data_4BO9
#
_entry.id   4BO9
#
_cell.length_a   57.707
_cell.length_b   108.866
_cell.length_c   149.950
_cell.angle_alpha   90.00
_cell.angle_beta   90.00
_cell.angle_gamma   90.00
#
_symmetry.space_group_name_H-M   'P 21 21 21'
#
loop_
_entity.id
_entity.type
_entity.pdbx_description
1 polymer '3-OXOACYL-[ACYL-CARRIER-PROTEIN] REDUCTASE FABG'
2 non-polymer 5-[2-(FURAN-2-YLMETHOXY)PHENYL]-2-PHENYLTETRAZOLE
#
_entity_poly.entity_id   1
_entity_poly.type   'polypeptide(L)'
_entity_poly.pdbx_seq_one_letter_code
;MHHHHHHSSGVDLGTENLYFQSMSLQGKVALVTGASRGIGQAIALELGRLGAVVIGTATSASGAEKIAETLKANGVEGAG
LVLDVSSDESVAATLEHIQQHLGQPLIVVNNAGITRDNLLVRMKDDEWFDVVNTNLNSLYRLSKAVLRGMTKARWGRIIN
IGSVVGAMGNAGQTNYAAAKAGLEGFTRALAREVGSRAITVNAVAPGFIDTDMTRELPEAQREALLGQIPLGRLGQAEEI
AKVVGFLASDGAAYVTGATVPVNGGMYMS
;
_entity_poly.pdbx_strand_id   A,B,C,D
#
# COMPACT_ATOMS: atom_id res chain seq x y z
N GLN A 21 11.64 -16.40 -30.02
CA GLN A 21 10.79 -17.61 -29.84
C GLN A 21 9.33 -17.35 -29.37
N SER A 22 9.17 -16.52 -28.32
CA SER A 22 7.91 -16.25 -27.57
C SER A 22 7.79 -14.83 -26.94
N MET A 23 8.82 -13.99 -27.15
CA MET A 23 8.84 -12.54 -26.84
C MET A 23 8.78 -11.81 -28.19
N SER A 24 7.89 -12.31 -29.04
CA SER A 24 7.77 -11.77 -30.35
C SER A 24 6.55 -10.89 -30.34
N LEU A 25 6.76 -9.65 -30.74
CA LEU A 25 5.69 -8.70 -30.98
C LEU A 25 5.56 -8.48 -32.48
N GLN A 26 5.93 -9.49 -33.27
CA GLN A 26 5.91 -9.36 -34.71
C GLN A 26 4.47 -9.17 -35.18
N GLY A 27 4.28 -8.26 -36.13
CA GLY A 27 2.97 -7.99 -36.67
C GLY A 27 2.09 -7.22 -35.70
N LYS A 28 2.71 -6.59 -34.69
CA LYS A 28 1.99 -5.73 -33.75
C LYS A 28 2.53 -4.32 -33.85
N VAL A 29 1.61 -3.36 -33.95
CA VAL A 29 1.94 -1.95 -34.13
C VAL A 29 1.98 -1.20 -32.79
N ALA A 30 3.16 -0.81 -32.33
CA ALA A 30 3.28 -0.09 -31.07
C ALA A 30 3.33 1.41 -31.25
N LEU A 31 2.84 2.12 -30.24
CA LEU A 31 2.91 3.58 -30.19
C LEU A 31 3.62 4.00 -28.90
N VAL A 32 4.74 4.65 -29.04
CA VAL A 32 5.51 5.16 -27.91
C VAL A 32 5.52 6.67 -27.99
N THR A 33 5.01 7.33 -26.94
CA THR A 33 4.97 8.79 -26.94
C THR A 33 6.23 9.29 -26.25
N GLY A 34 6.78 10.40 -26.74
CA GLY A 34 7.99 10.99 -26.17
C GLY A 34 9.17 10.06 -26.31
N ALA A 35 9.44 9.67 -27.54
CA ALA A 35 10.43 8.63 -27.85
C ALA A 35 11.70 9.16 -28.51
N SER A 36 11.95 10.47 -28.45
CA SER A 36 13.14 11.05 -29.08
C SER A 36 14.40 10.88 -28.23
N ARG A 37 14.22 10.67 -26.93
CA ARG A 37 15.33 10.67 -26.04
C ARG A 37 15.19 9.69 -24.86
N GLY A 38 16.32 9.35 -24.24
CA GLY A 38 16.37 8.52 -23.04
C GLY A 38 15.37 7.37 -22.97
N ILE A 39 14.58 7.34 -21.91
CA ILE A 39 13.72 6.23 -21.58
C ILE A 39 12.79 5.89 -22.70
N GLY A 40 12.21 6.92 -23.32
CA GLY A 40 11.19 6.70 -24.36
C GLY A 40 11.79 6.05 -25.58
N GLN A 41 12.90 6.63 -26.05
CA GLN A 41 13.68 6.05 -27.15
C GLN A 41 14.10 4.62 -26.81
N ALA A 42 14.54 4.36 -25.59
CA ALA A 42 14.95 3.00 -25.21
C ALA A 42 13.78 2.04 -25.33
N ILE A 43 12.61 2.50 -24.93
CA ILE A 43 11.37 1.72 -25.12
C ILE A 43 11.12 1.49 -26.60
N ALA A 44 11.20 2.54 -27.41
CA ALA A 44 10.96 2.41 -28.84
C ALA A 44 11.83 1.29 -29.45
N LEU A 45 13.15 1.34 -29.20
CA LEU A 45 14.08 0.39 -29.81
C LEU A 45 13.82 -1.01 -29.33
N GLU A 46 13.57 -1.13 -28.03
CA GLU A 46 13.37 -2.45 -27.46
C GLU A 46 12.13 -3.12 -28.07
N LEU A 47 11.07 -2.34 -28.29
CA LEU A 47 9.84 -2.85 -28.96
C LEU A 47 10.11 -3.26 -30.38
N GLY A 48 10.75 -2.40 -31.15
CA GLY A 48 11.18 -2.75 -32.50
C GLY A 48 11.92 -4.07 -32.47
N ARG A 49 13.01 -4.12 -31.69
CA ARG A 49 13.88 -5.28 -31.55
C ARG A 49 13.12 -6.55 -31.23
N LEU A 50 11.96 -6.42 -30.58
CA LEU A 50 11.02 -7.55 -30.44
C LEU A 50 9.99 -7.65 -31.59
N GLY A 51 10.32 -7.07 -32.74
CA GLY A 51 9.52 -7.23 -33.95
C GLY A 51 8.34 -6.30 -34.09
N ALA A 52 8.16 -5.41 -33.13
CA ALA A 52 7.05 -4.44 -33.20
C ALA A 52 7.25 -3.48 -34.34
N VAL A 53 6.16 -3.11 -34.99
CA VAL A 53 6.19 -1.94 -35.85
C VAL A 53 5.88 -0.75 -34.95
N VAL A 54 6.73 0.27 -35.01
CA VAL A 54 6.88 1.20 -33.91
C VAL A 54 6.72 2.65 -34.37
N ILE A 55 5.81 3.34 -33.71
CA ILE A 55 5.51 4.73 -34.02
C ILE A 55 5.88 5.56 -32.81
N GLY A 56 7.02 6.23 -32.91
CA GLY A 56 7.52 7.08 -31.82
C GLY A 56 6.99 8.46 -32.09
N THR A 57 6.70 9.22 -31.03
CA THR A 57 6.26 10.59 -31.21
C THR A 57 7.04 11.59 -30.40
N ALA A 58 6.99 12.83 -30.88
CA ALA A 58 7.54 13.96 -30.16
C ALA A 58 6.64 15.17 -30.35
N THR A 59 7.03 16.27 -29.70
CA THR A 59 6.21 17.49 -29.71
C THR A 59 6.54 18.40 -30.90
N SER A 60 7.54 18.03 -31.70
CA SER A 60 8.04 18.86 -32.79
C SER A 60 8.43 18.05 -34.03
N ALA A 61 8.53 18.73 -35.16
CA ALA A 61 8.85 18.09 -36.43
C ALA A 61 10.31 17.65 -36.43
N SER A 62 11.18 18.55 -36.00
CA SER A 62 12.58 18.24 -35.82
C SER A 62 12.73 16.95 -35.01
N GLY A 63 11.98 16.86 -33.92
CA GLY A 63 11.98 15.66 -33.08
C GLY A 63 11.52 14.44 -33.83
N ALA A 64 10.33 14.52 -34.40
CA ALA A 64 9.72 13.39 -35.12
C ALA A 64 10.62 12.87 -36.23
N GLU A 65 11.33 13.77 -36.91
CA GLU A 65 12.28 13.39 -37.94
C GLU A 65 13.38 12.56 -37.34
N LYS A 66 13.92 13.06 -36.25
CA LYS A 66 15.06 12.41 -35.59
C LYS A 66 14.70 10.98 -35.24
N ILE A 67 13.54 10.80 -34.64
CA ILE A 67 13.05 9.48 -34.26
C ILE A 67 13.13 8.49 -35.42
N ALA A 68 12.62 8.89 -36.59
CA ALA A 68 12.64 8.04 -37.77
C ALA A 68 14.06 7.63 -38.16
N GLU A 69 14.98 8.59 -38.20
CA GLU A 69 16.36 8.29 -38.54
C GLU A 69 16.85 7.17 -37.66
N THR A 70 16.65 7.34 -36.36
CA THR A 70 17.05 6.36 -35.36
C THR A 70 16.42 4.98 -35.57
N LEU A 71 15.17 4.94 -36.02
CA LEU A 71 14.51 3.66 -36.30
C LEU A 71 15.19 2.95 -37.45
N LYS A 72 15.25 3.63 -38.59
CA LYS A 72 15.94 3.15 -39.77
C LYS A 72 17.36 2.67 -39.36
N ALA A 73 18.11 3.51 -38.65
CA ALA A 73 19.44 3.20 -38.15
C ALA A 73 19.52 1.84 -37.47
N ASN A 74 18.47 1.46 -36.74
CA ASN A 74 18.42 0.17 -36.06
C ASN A 74 17.48 -0.85 -36.73
N GLY A 75 17.22 -0.64 -38.01
CA GLY A 75 16.43 -1.58 -38.80
C GLY A 75 14.96 -1.73 -38.46
N VAL A 76 14.44 -0.86 -37.61
CA VAL A 76 13.07 -0.99 -37.12
C VAL A 76 12.05 -0.36 -38.04
N GLU A 77 11.06 -1.14 -38.44
CA GLU A 77 10.01 -0.65 -39.31
C GLU A 77 9.12 0.25 -38.49
N GLY A 78 8.80 1.43 -39.02
CA GLY A 78 7.87 2.34 -38.35
C GLY A 78 8.00 3.79 -38.77
N ALA A 79 7.66 4.72 -37.86
CA ALA A 79 7.53 6.12 -38.24
C ALA A 79 7.61 7.07 -37.04
N GLY A 80 8.41 8.12 -37.18
CA GLY A 80 8.38 9.24 -36.24
C GLY A 80 7.14 10.08 -36.52
N LEU A 81 6.68 10.84 -35.53
CA LEU A 81 5.42 11.57 -35.63
C LEU A 81 5.28 12.69 -34.63
N VAL A 82 4.49 13.70 -34.99
CA VAL A 82 4.27 14.85 -34.11
C VAL A 82 2.93 14.73 -33.40
N LEU A 83 2.96 14.93 -32.08
CA LEU A 83 1.78 14.72 -31.26
C LEU A 83 1.83 15.54 -29.98
N ASP A 84 0.77 16.32 -29.76
CA ASP A 84 0.54 17.01 -28.51
C ASP A 84 -0.56 16.27 -27.74
N VAL A 85 -0.14 15.52 -26.72
CA VAL A 85 -1.08 14.70 -25.92
C VAL A 85 -2.12 15.52 -25.15
N SER A 86 -1.80 16.78 -24.86
CA SER A 86 -2.72 17.67 -24.14
C SER A 86 -3.93 18.10 -25.00
N SER A 87 -3.79 18.02 -26.33
CA SER A 87 -4.79 18.56 -27.25
C SER A 87 -5.53 17.46 -28.01
N ASP A 88 -6.84 17.36 -27.77
CA ASP A 88 -7.70 16.36 -28.45
C ASP A 88 -7.49 16.28 -29.96
N GLU A 89 -7.53 17.44 -30.64
CA GLU A 89 -7.32 17.56 -32.09
C GLU A 89 -6.09 16.74 -32.53
N SER A 90 -4.99 16.91 -31.83
CA SER A 90 -3.74 16.28 -32.22
C SER A 90 -3.90 14.77 -32.18
N VAL A 91 -4.43 14.32 -31.06
CA VAL A 91 -4.63 12.92 -30.77
C VAL A 91 -5.56 12.26 -31.79
N ALA A 92 -6.72 12.86 -32.00
CA ALA A 92 -7.69 12.33 -32.95
C ALA A 92 -7.07 12.25 -34.35
N ALA A 93 -6.29 13.27 -34.69
CA ALA A 93 -5.68 13.37 -36.01
C ALA A 93 -4.56 12.34 -36.13
N THR A 94 -3.67 12.36 -35.15
CA THR A 94 -2.52 11.46 -35.14
C THR A 94 -2.95 10.01 -35.31
N LEU A 95 -3.90 9.57 -34.48
CA LEU A 95 -4.41 8.20 -34.58
C LEU A 95 -4.96 7.91 -35.97
N GLU A 96 -5.87 8.78 -36.42
CA GLU A 96 -6.44 8.62 -37.74
C GLU A 96 -5.34 8.44 -38.75
N HIS A 97 -4.38 9.35 -38.75
CA HIS A 97 -3.24 9.27 -39.66
C HIS A 97 -2.49 7.93 -39.55
N ILE A 98 -2.16 7.52 -38.32
CA ILE A 98 -1.47 6.25 -38.05
C ILE A 98 -2.20 5.06 -38.65
N GLN A 99 -3.51 5.04 -38.42
CA GLN A 99 -4.35 3.90 -38.81
C GLN A 99 -4.27 3.61 -40.29
N GLN A 100 -4.40 4.67 -41.09
CA GLN A 100 -4.48 4.59 -42.55
C GLN A 100 -3.17 4.07 -43.12
N HIS A 101 -2.07 4.68 -42.69
CA HIS A 101 -0.74 4.39 -43.21
C HIS A 101 -0.22 3.07 -42.66
N LEU A 102 -0.10 2.97 -41.34
CA LEU A 102 0.53 1.81 -40.74
C LEU A 102 -0.45 0.74 -40.27
N GLY A 103 -1.50 1.15 -39.56
CA GLY A 103 -2.46 0.20 -38.94
C GLY A 103 -2.89 0.73 -37.60
N GLN A 104 -3.75 0.00 -36.90
CA GLN A 104 -4.17 0.41 -35.58
C GLN A 104 -3.20 -0.05 -34.45
N PRO A 105 -2.72 0.88 -33.59
CA PRO A 105 -1.78 0.46 -32.57
C PRO A 105 -2.50 -0.24 -31.44
N LEU A 106 -1.94 -1.36 -30.97
CA LEU A 106 -2.52 -2.13 -29.88
C LEU A 106 -1.61 -2.12 -28.67
N ILE A 107 -0.34 -1.84 -28.90
CA ILE A 107 0.57 -1.57 -27.78
C ILE A 107 0.82 -0.07 -27.72
N VAL A 108 0.29 0.59 -26.69
CA VAL A 108 0.36 2.04 -26.62
C VAL A 108 1.02 2.37 -25.35
N VAL A 109 2.05 3.21 -25.42
CA VAL A 109 2.93 3.45 -24.28
C VAL A 109 3.06 4.95 -24.05
N ASN A 110 2.56 5.40 -22.89
CA ASN A 110 2.60 6.80 -22.52
C ASN A 110 3.85 7.10 -21.72
N ASN A 111 4.69 7.94 -22.30
CA ASN A 111 5.90 8.32 -21.64
C ASN A 111 5.94 9.81 -21.43
N ALA A 112 6.35 10.17 -20.20
CA ALA A 112 6.47 11.55 -19.68
C ALA A 112 6.49 11.49 -18.14
N GLU A 127 1.12 23.50 -6.88
CA GLU A 127 1.60 23.13 -8.22
C GLU A 127 1.74 21.61 -8.47
N TRP A 128 2.15 20.81 -7.48
CA TRP A 128 2.01 19.34 -7.57
C TRP A 128 0.64 18.96 -8.11
N PHE A 129 -0.38 19.71 -7.72
CA PHE A 129 -1.73 19.39 -8.17
C PHE A 129 -1.87 19.57 -9.68
N ASP A 130 -1.59 20.77 -10.19
CA ASP A 130 -1.69 21.04 -11.64
C ASP A 130 -0.94 19.97 -12.44
N VAL A 131 0.31 19.73 -12.06
CA VAL A 131 1.17 18.76 -12.73
C VAL A 131 0.45 17.44 -12.85
N VAL A 132 0.13 16.86 -11.69
CA VAL A 132 -0.48 15.54 -11.66
C VAL A 132 -1.82 15.53 -12.39
N ASN A 133 -2.60 16.58 -12.20
CA ASN A 133 -3.91 16.67 -12.85
C ASN A 133 -3.78 16.62 -14.37
N THR A 134 -2.82 17.35 -14.89
CA THR A 134 -2.57 17.42 -16.33
C THR A 134 -2.17 16.07 -16.89
N ASN A 135 -1.13 15.46 -16.30
CA ASN A 135 -0.71 14.09 -16.67
C ASN A 135 -1.85 13.09 -16.82
N LEU A 136 -2.67 12.96 -15.78
CA LEU A 136 -3.68 11.92 -15.77
C LEU A 136 -4.74 12.20 -16.81
N ASN A 137 -5.14 13.46 -16.97
CA ASN A 137 -6.05 13.83 -18.06
C ASN A 137 -5.50 13.43 -19.41
N SER A 138 -4.20 13.55 -19.58
CA SER A 138 -3.57 13.17 -20.84
C SER A 138 -3.58 11.66 -20.96
N LEU A 139 -2.96 10.97 -20.01
CA LEU A 139 -3.10 9.51 -19.91
C LEU A 139 -4.51 9.08 -20.29
N TYR A 140 -5.51 9.74 -19.71
CA TYR A 140 -6.88 9.43 -20.03
C TYR A 140 -7.17 9.67 -21.50
N ARG A 141 -7.04 10.91 -21.94
CA ARG A 141 -7.36 11.32 -23.32
C ARG A 141 -6.92 10.27 -24.30
N LEU A 142 -5.63 10.01 -24.29
CA LEU A 142 -5.00 9.13 -25.24
C LEU A 142 -5.50 7.72 -25.10
N SER A 143 -5.46 7.21 -23.87
CA SER A 143 -5.87 5.86 -23.61
C SER A 143 -7.25 5.65 -24.17
N LYS A 144 -8.18 6.53 -23.82
CA LYS A 144 -9.52 6.48 -24.36
C LYS A 144 -9.47 6.31 -25.90
N ALA A 145 -8.74 7.19 -26.57
CA ALA A 145 -8.67 7.20 -28.03
C ALA A 145 -8.30 5.83 -28.63
N VAL A 146 -7.28 5.20 -28.07
CA VAL A 146 -6.70 3.99 -28.65
C VAL A 146 -7.51 2.75 -28.33
N LEU A 147 -8.49 2.90 -27.44
CA LEU A 147 -9.22 1.76 -26.91
C LEU A 147 -10.27 1.26 -27.89
N ARG A 148 -10.82 2.18 -28.71
CA ARG A 148 -11.74 1.75 -29.72
C ARG A 148 -11.10 0.64 -30.51
N GLY A 149 -9.87 0.88 -30.94
CA GLY A 149 -9.11 -0.07 -31.75
C GLY A 149 -8.79 -1.39 -31.05
N MET A 150 -8.37 -1.32 -29.79
CA MET A 150 -8.02 -2.52 -29.05
C MET A 150 -9.29 -3.34 -28.80
N THR A 151 -10.41 -2.64 -28.63
CA THR A 151 -11.69 -3.28 -28.37
C THR A 151 -12.18 -4.10 -29.56
N LYS A 152 -12.07 -3.56 -30.76
CA LYS A 152 -12.39 -4.33 -31.98
C LYS A 152 -11.56 -5.62 -31.99
N ALA A 153 -10.25 -5.46 -31.80
CA ALA A 153 -9.32 -6.58 -31.87
C ALA A 153 -9.38 -7.48 -30.64
N ARG A 154 -10.07 -7.04 -29.59
CA ARG A 154 -10.20 -7.82 -28.38
C ARG A 154 -8.81 -8.22 -27.85
N TRP A 155 -7.91 -7.26 -27.88
CA TRP A 155 -6.54 -7.46 -27.41
C TRP A 155 -5.88 -6.09 -27.32
N GLY A 156 -5.12 -5.86 -26.26
CA GLY A 156 -4.35 -4.63 -26.15
C GLY A 156 -3.27 -4.60 -25.03
N ARG A 157 -2.38 -3.62 -25.14
CA ARG A 157 -1.49 -3.28 -24.05
C ARG A 157 -1.40 -1.75 -23.89
N ILE A 158 -1.77 -1.27 -22.72
CA ILE A 158 -1.48 0.09 -22.36
C ILE A 158 -0.41 0.06 -21.24
N ILE A 159 0.62 0.86 -21.44
CA ILE A 159 1.69 0.86 -20.51
C ILE A 159 2.04 2.30 -20.24
N ASN A 160 1.96 2.65 -18.96
CA ASN A 160 2.13 4.01 -18.51
C ASN A 160 3.45 4.13 -17.75
N ILE A 161 4.25 5.13 -18.12
CA ILE A 161 5.56 5.28 -17.56
C ILE A 161 5.53 6.40 -16.54
N GLY A 162 6.11 6.15 -15.38
CA GLY A 162 6.16 7.14 -14.33
C GLY A 162 7.26 8.12 -14.61
N SER A 163 7.29 9.19 -13.83
CA SER A 163 8.36 10.15 -13.89
C SER A 163 9.58 9.61 -13.14
N VAL A 164 10.74 10.13 -13.53
CA VAL A 164 11.99 9.74 -12.93
C VAL A 164 12.15 10.54 -11.66
N VAL A 165 12.93 10.04 -10.72
CA VAL A 165 13.20 10.83 -9.51
C VAL A 165 14.16 11.95 -9.88
N GLY A 166 13.86 13.17 -9.44
CA GLY A 166 14.71 14.33 -9.68
C GLY A 166 14.79 15.21 -8.46
N ALA A 167 16.02 15.58 -8.12
CA ALA A 167 16.30 16.33 -6.89
C ALA A 167 16.02 17.85 -7.05
N MET A 168 14.74 18.21 -6.87
CA MET A 168 14.31 19.58 -6.66
C MET A 168 14.03 19.79 -5.17
N GLY A 169 14.73 19.05 -4.28
CA GLY A 169 14.69 19.26 -2.81
C GLY A 169 13.66 18.49 -1.98
N ASN A 170 12.95 19.23 -1.13
CA ASN A 170 11.78 18.78 -0.37
C ASN A 170 10.57 18.64 -1.29
N ALA A 171 10.49 19.62 -2.18
CA ALA A 171 9.42 19.73 -3.15
C ALA A 171 9.48 18.56 -4.14
N GLY A 172 10.70 18.21 -4.55
CA GLY A 172 10.91 17.04 -5.40
C GLY A 172 10.29 15.76 -4.84
N GLN A 173 10.44 15.58 -3.52
CA GLN A 173 9.90 14.41 -2.83
C GLN A 173 8.35 14.40 -2.89
N THR A 174 7.74 15.58 -2.80
CA THR A 174 6.28 15.73 -2.81
C THR A 174 5.65 15.37 -4.15
N ASN A 175 6.16 15.98 -5.22
CA ASN A 175 5.65 15.71 -6.57
C ASN A 175 5.89 14.26 -6.99
N TYR A 176 7.13 13.78 -6.79
CA TYR A 176 7.47 12.39 -7.16
C TYR A 176 6.42 11.45 -6.58
N ALA A 177 6.19 11.55 -5.27
CA ALA A 177 5.21 10.72 -4.60
C ALA A 177 3.79 10.97 -5.12
N ALA A 178 3.47 12.23 -5.42
CA ALA A 178 2.13 12.62 -5.81
C ALA A 178 1.73 12.05 -7.16
N ALA A 179 2.64 12.08 -8.12
CA ALA A 179 2.36 11.55 -9.46
C ALA A 179 2.41 10.03 -9.42
N LYS A 180 3.40 9.51 -8.72
CA LYS A 180 3.51 8.08 -8.51
C LYS A 180 2.23 7.53 -7.89
N ALA A 181 1.56 8.35 -7.06
CA ALA A 181 0.31 7.93 -6.44
C ALA A 181 -0.82 7.95 -7.47
N GLY A 182 -0.82 9.00 -8.28
CA GLY A 182 -1.80 9.14 -9.32
C GLY A 182 -1.66 8.02 -10.31
N LEU A 183 -0.44 7.74 -10.73
CA LEU A 183 -0.21 6.73 -11.73
C LEU A 183 -0.77 5.41 -11.26
N GLU A 184 -0.25 4.95 -10.12
CA GLU A 184 -0.73 3.71 -9.51
C GLU A 184 -2.24 3.59 -9.51
N GLY A 185 -2.90 4.63 -9.02
CA GLY A 185 -4.35 4.59 -8.85
C GLY A 185 -5.04 4.57 -10.19
N PHE A 186 -4.72 5.57 -11.00
CA PHE A 186 -5.23 5.66 -12.34
C PHE A 186 -5.10 4.37 -13.08
N THR A 187 -3.88 3.87 -13.13
CA THR A 187 -3.58 2.68 -13.87
C THR A 187 -4.51 1.58 -13.46
N ARG A 188 -4.62 1.36 -12.16
CA ARG A 188 -5.41 0.25 -11.67
C ARG A 188 -6.91 0.37 -11.99
N ALA A 189 -7.40 1.60 -12.00
CA ALA A 189 -8.78 1.86 -12.28
C ALA A 189 -9.07 1.50 -13.72
N LEU A 190 -8.24 2.02 -14.62
CA LEU A 190 -8.46 1.85 -16.05
C LEU A 190 -8.36 0.38 -16.38
N ALA A 191 -7.43 -0.34 -15.74
CA ALA A 191 -7.33 -1.79 -15.86
C ALA A 191 -8.63 -2.50 -15.50
N ARG A 192 -9.32 -1.99 -14.48
CA ARG A 192 -10.61 -2.57 -14.09
C ARG A 192 -11.73 -2.33 -15.13
N GLU A 193 -11.61 -1.23 -15.87
CA GLU A 193 -12.66 -0.75 -16.72
C GLU A 193 -12.58 -1.40 -18.09
N VAL A 194 -11.43 -1.95 -18.44
CA VAL A 194 -11.21 -2.52 -19.78
C VAL A 194 -11.01 -4.05 -19.77
N GLY A 195 -10.65 -4.61 -18.62
CA GLY A 195 -10.28 -6.03 -18.51
C GLY A 195 -11.11 -7.06 -19.26
N SER A 196 -12.42 -6.83 -19.37
CA SER A 196 -13.33 -7.77 -20.08
C SER A 196 -12.89 -8.04 -21.54
N ARG A 197 -12.26 -7.04 -22.14
CA ARG A 197 -11.83 -7.07 -23.52
C ARG A 197 -10.37 -7.54 -23.77
N ALA A 198 -9.77 -8.19 -22.78
CA ALA A 198 -8.41 -8.73 -22.84
C ALA A 198 -7.38 -7.66 -23.21
N ILE A 199 -7.49 -6.54 -22.51
CA ILE A 199 -6.55 -5.45 -22.64
C ILE A 199 -5.91 -5.23 -21.28
N THR A 200 -4.61 -5.49 -21.16
CA THR A 200 -3.97 -5.13 -19.92
C THR A 200 -3.63 -3.65 -19.91
N VAL A 201 -3.60 -3.12 -18.69
CA VAL A 201 -3.12 -1.78 -18.41
C VAL A 201 -2.14 -1.91 -17.27
N ASN A 202 -0.94 -1.39 -17.46
CA ASN A 202 0.10 -1.46 -16.41
C ASN A 202 0.99 -0.25 -16.41
N ALA A 203 1.67 -0.08 -15.32
CA ALA A 203 2.45 1.09 -15.13
C ALA A 203 3.85 0.61 -14.83
N VAL A 204 4.82 1.47 -15.08
CA VAL A 204 6.20 1.21 -14.69
C VAL A 204 6.67 2.44 -13.99
N ALA A 205 7.31 2.22 -12.84
CA ALA A 205 7.71 3.30 -11.97
C ALA A 205 9.21 3.34 -11.94
N PRO A 206 9.80 4.13 -12.84
CA PRO A 206 11.27 4.29 -12.73
C PRO A 206 11.75 4.88 -11.43
N GLY A 207 13.02 4.61 -11.13
CA GLY A 207 13.66 5.09 -9.89
C GLY A 207 14.58 6.22 -10.29
N PHE A 208 15.82 6.19 -9.78
CA PHE A 208 16.84 7.13 -10.16
C PHE A 208 17.56 6.60 -11.39
N ILE A 209 17.21 7.16 -12.54
CA ILE A 209 17.63 6.61 -13.85
C ILE A 209 18.67 7.50 -14.53
N ASP A 210 19.61 6.85 -15.19
CA ASP A 210 20.64 7.54 -15.95
C ASP A 210 20.06 8.08 -17.28
N THR A 211 19.74 9.37 -17.27
CA THR A 211 19.22 10.09 -18.41
C THR A 211 19.93 11.42 -18.52
N ASP A 212 19.69 12.13 -19.62
CA ASP A 212 20.13 13.50 -19.81
C ASP A 212 19.79 14.37 -18.58
N MET A 213 18.56 14.26 -18.09
CA MET A 213 18.08 15.05 -16.96
C MET A 213 18.96 14.87 -15.73
N THR A 214 19.20 13.60 -15.37
CA THR A 214 19.99 13.25 -14.18
C THR A 214 21.46 13.55 -14.35
N ARG A 215 22.00 13.27 -15.54
CA ARG A 215 23.43 13.35 -15.76
C ARG A 215 24.02 14.70 -15.36
N GLU A 216 23.20 15.74 -15.30
CA GLU A 216 23.66 17.04 -14.82
C GLU A 216 22.81 17.55 -13.67
N LEU A 217 22.95 16.87 -12.54
CA LEU A 217 22.42 17.31 -11.23
C LEU A 217 23.63 17.43 -10.34
N PRO A 218 23.50 18.20 -9.26
CA PRO A 218 24.68 18.43 -8.42
C PRO A 218 25.31 17.16 -7.86
N GLU A 219 26.63 17.20 -7.66
CA GLU A 219 27.40 16.05 -7.19
C GLU A 219 26.82 15.58 -5.86
N ALA A 220 26.36 16.52 -5.03
CA ALA A 220 25.84 16.19 -3.72
C ALA A 220 24.57 15.41 -3.84
N GLN A 221 23.57 15.99 -4.48
CA GLN A 221 22.25 15.34 -4.63
C GLN A 221 22.31 13.98 -5.37
N ARG A 222 23.43 13.68 -6.03
CA ARG A 222 23.65 12.39 -6.64
C ARG A 222 24.04 11.36 -5.57
N GLU A 223 25.17 11.60 -4.90
CA GLU A 223 25.68 10.66 -3.89
C GLU A 223 24.73 10.45 -2.72
N ALA A 224 24.01 11.51 -2.34
CA ALA A 224 22.96 11.40 -1.32
C ALA A 224 21.93 10.38 -1.76
N LEU A 225 21.54 10.50 -3.02
CA LEU A 225 20.51 9.66 -3.61
C LEU A 225 20.98 8.23 -3.89
N LEU A 226 22.22 8.07 -4.31
CA LEU A 226 22.83 6.74 -4.44
C LEU A 226 23.01 6.06 -3.09
N GLY A 227 23.16 6.88 -2.03
CA GLY A 227 23.19 6.35 -0.68
C GLY A 227 21.87 5.75 -0.24
N GLN A 228 20.84 6.01 -1.04
CA GLN A 228 19.51 5.51 -0.78
C GLN A 228 19.10 4.37 -1.68
N ILE A 229 19.86 4.14 -2.76
CA ILE A 229 19.56 3.02 -3.66
C ILE A 229 20.38 1.80 -3.28
N PRO A 230 19.72 0.72 -2.80
CA PRO A 230 20.36 -0.54 -2.37
C PRO A 230 21.36 -1.13 -3.36
N LEU A 231 21.04 -1.08 -4.65
CA LEU A 231 21.97 -1.57 -5.69
C LEU A 231 23.19 -0.66 -5.96
N GLY A 232 23.17 0.58 -5.48
CA GLY A 232 24.34 1.48 -5.61
C GLY A 232 24.66 2.02 -7.00
N ARG A 233 23.66 2.12 -7.85
CA ARG A 233 23.87 2.70 -9.16
C ARG A 233 22.59 3.25 -9.66
N LEU A 234 22.69 4.02 -10.71
CA LEU A 234 21.53 4.43 -11.47
C LEU A 234 21.03 3.30 -12.35
N GLY A 235 19.76 3.38 -12.71
CA GLY A 235 19.16 2.47 -13.70
C GLY A 235 19.39 3.03 -15.10
N GLN A 236 19.81 2.18 -16.04
CA GLN A 236 19.93 2.58 -17.44
C GLN A 236 18.54 2.55 -18.03
N ALA A 237 18.26 3.47 -18.97
CA ALA A 237 17.01 3.50 -19.66
C ALA A 237 16.61 2.10 -20.14
N GLU A 238 17.52 1.43 -20.83
CA GLU A 238 17.27 0.06 -21.31
C GLU A 238 16.56 -0.79 -20.26
N GLU A 239 16.95 -0.66 -19.00
CA GLU A 239 16.43 -1.49 -17.92
C GLU A 239 14.90 -1.23 -17.79
N ILE A 240 14.49 0.00 -17.98
CA ILE A 240 13.03 0.29 -18.05
C ILE A 240 12.36 -0.35 -19.30
N ALA A 241 12.94 -0.06 -20.45
CA ALA A 241 12.58 -0.69 -21.68
C ALA A 241 12.32 -2.16 -21.54
N LYS A 242 13.31 -2.91 -21.08
CA LYS A 242 13.15 -4.37 -20.97
C LYS A 242 11.83 -4.78 -20.31
N VAL A 243 11.43 -4.02 -19.29
CA VAL A 243 10.26 -4.34 -18.52
C VAL A 243 9.08 -4.00 -19.35
N VAL A 244 9.16 -2.85 -19.99
CA VAL A 244 8.10 -2.47 -20.83
C VAL A 244 7.92 -3.61 -21.78
N GLY A 245 9.03 -4.05 -22.38
CA GLY A 245 8.97 -5.08 -23.40
C GLY A 245 8.31 -6.30 -22.86
N PHE A 246 8.59 -6.57 -21.61
CA PHE A 246 8.03 -7.77 -21.04
C PHE A 246 6.49 -7.73 -21.02
N LEU A 247 6.00 -6.63 -20.45
CA LEU A 247 4.60 -6.46 -20.20
C LEU A 247 3.78 -6.54 -21.52
N ALA A 248 4.39 -5.98 -22.56
CA ALA A 248 3.89 -6.08 -23.93
C ALA A 248 3.67 -7.53 -24.35
N SER A 249 4.61 -8.40 -23.96
CA SER A 249 4.63 -9.80 -24.39
C SER A 249 3.35 -10.51 -24.01
N ASP A 250 3.05 -11.58 -24.73
CA ASP A 250 1.90 -12.37 -24.40
C ASP A 250 2.05 -13.04 -23.06
N GLY A 251 3.29 -13.25 -22.65
CA GLY A 251 3.58 -13.98 -21.40
C GLY A 251 2.99 -13.25 -20.22
N ALA A 252 3.11 -11.93 -20.24
CA ALA A 252 2.59 -11.06 -19.20
C ALA A 252 1.16 -10.55 -19.58
N ALA A 253 0.26 -11.49 -19.80
CA ALA A 253 -1.10 -11.22 -20.22
C ALA A 253 -2.10 -11.35 -19.08
N TYR A 254 -1.67 -12.02 -18.01
CA TYR A 254 -2.46 -12.09 -16.78
C TYR A 254 -1.98 -11.03 -15.76
N VAL A 255 -1.27 -10.04 -16.27
CA VAL A 255 -0.76 -8.97 -15.43
C VAL A 255 -1.48 -7.74 -15.91
N THR A 256 -2.35 -7.20 -15.08
CA THR A 256 -3.07 -5.99 -15.41
C THR A 256 -3.32 -5.18 -14.16
N GLY A 257 -3.38 -3.86 -14.32
CA GLY A 257 -3.52 -2.93 -13.21
C GLY A 257 -2.28 -2.77 -12.28
N ALA A 258 -1.12 -3.27 -12.69
CA ALA A 258 0.01 -3.35 -11.78
C ALA A 258 1.06 -2.28 -12.08
N THR A 259 1.73 -1.81 -11.04
CA THR A 259 2.77 -0.82 -11.19
C THR A 259 4.07 -1.48 -10.78
N VAL A 260 4.86 -1.85 -11.78
CA VAL A 260 6.12 -2.48 -11.56
C VAL A 260 7.17 -1.43 -11.21
N PRO A 261 7.76 -1.53 -10.01
CA PRO A 261 8.78 -0.60 -9.62
C PRO A 261 10.15 -1.00 -10.09
N VAL A 262 10.77 -0.11 -10.86
CA VAL A 262 12.12 -0.32 -11.33
C VAL A 262 13.02 0.73 -10.70
N ASN A 263 13.63 0.39 -9.58
CA ASN A 263 14.30 1.42 -8.77
C ASN A 263 15.48 0.96 -7.95
N GLY A 264 15.94 -0.26 -8.20
CA GLY A 264 17.09 -0.79 -7.48
C GLY A 264 16.94 -0.79 -5.98
N GLY A 265 15.69 -0.79 -5.51
CA GLY A 265 15.42 -0.99 -4.10
C GLY A 265 15.04 0.23 -3.31
N MET A 266 15.22 1.42 -3.90
CA MET A 266 14.86 2.68 -3.21
C MET A 266 13.36 2.97 -3.37
N TYR A 267 12.59 2.66 -2.32
CA TYR A 267 11.15 2.91 -2.33
C TYR A 267 10.77 4.15 -1.49
N MET A 268 9.87 4.95 -2.05
CA MET A 268 9.44 6.20 -1.42
C MET A 268 7.92 6.23 -1.44
N SER A 269 7.36 6.56 -0.27
CA SER A 269 5.94 6.40 0.01
C SER A 269 5.41 7.48 0.94
N GLN B 21 -8.76 17.07 33.59
CA GLN B 21 -8.54 16.97 32.12
C GLN B 21 -9.49 17.90 31.39
N SER B 22 -9.18 18.28 30.16
CA SER B 22 -10.14 19.02 29.31
C SER B 22 -9.62 19.23 27.89
N MET B 23 -10.28 18.61 26.91
CA MET B 23 -9.89 18.69 25.51
C MET B 23 -11.02 18.80 24.50
N SER B 24 -11.48 20.02 24.27
CA SER B 24 -12.50 20.30 23.28
C SER B 24 -12.06 21.38 22.30
N LEU B 25 -13.05 21.86 21.57
CA LEU B 25 -12.88 22.77 20.45
C LEU B 25 -13.57 24.11 20.70
N GLN B 26 -13.64 24.52 21.96
CA GLN B 26 -14.26 25.79 22.30
C GLN B 26 -13.53 26.94 21.63
N GLY B 27 -14.29 27.89 21.11
CA GLY B 27 -13.71 29.09 20.53
C GLY B 27 -13.07 28.80 19.20
N LYS B 28 -13.41 27.66 18.59
CA LYS B 28 -12.90 27.29 17.28
C LYS B 28 -14.07 27.15 16.34
N VAL B 29 -13.93 27.77 15.17
CA VAL B 29 -14.98 27.84 14.18
C VAL B 29 -14.84 26.76 13.11
N ALA B 30 -15.73 25.77 13.11
CA ALA B 30 -15.64 24.68 12.15
C ALA B 30 -16.56 24.86 10.95
N LEU B 31 -16.12 24.31 9.82
CA LEU B 31 -16.90 24.34 8.59
C LEU B 31 -17.06 22.92 8.07
N VAL B 32 -18.31 22.47 8.02
CA VAL B 32 -18.63 21.14 7.57
C VAL B 32 -19.45 21.32 6.32
N THR B 33 -18.97 20.76 5.21
CA THR B 33 -19.70 20.83 3.96
C THR B 33 -20.59 19.62 3.86
N GLY B 34 -21.78 19.79 3.27
CA GLY B 34 -22.73 18.70 3.08
C GLY B 34 -23.15 18.14 4.42
N ALA B 35 -23.68 19.01 5.26
CA ALA B 35 -24.02 18.68 6.64
C ALA B 35 -25.52 18.58 6.92
N SER B 36 -26.35 18.47 5.87
CA SER B 36 -27.80 18.39 6.09
C SER B 36 -28.26 16.99 6.49
N ARG B 37 -27.46 15.97 6.15
CA ARG B 37 -27.87 14.58 6.31
C ARG B 37 -26.75 13.67 6.77
N GLY B 38 -27.16 12.53 7.31
CA GLY B 38 -26.27 11.43 7.63
C GLY B 38 -24.93 11.83 8.21
N ILE B 39 -23.87 11.35 7.54
CA ILE B 39 -22.51 11.48 8.03
C ILE B 39 -22.13 12.93 8.29
N GLY B 40 -22.50 13.82 7.39
CA GLY B 40 -22.08 15.21 7.49
C GLY B 40 -22.71 15.87 8.69
N GLN B 41 -24.02 15.72 8.81
CA GLN B 41 -24.77 16.19 9.97
C GLN B 41 -24.18 15.62 11.27
N ALA B 42 -23.84 14.34 11.27
CA ALA B 42 -23.29 13.72 12.47
C ALA B 42 -22.00 14.41 12.83
N ILE B 43 -21.20 14.73 11.81
CA ILE B 43 -19.96 15.48 12.04
C ILE B 43 -20.29 16.84 12.63
N ALA B 44 -21.25 17.53 12.04
CA ALA B 44 -21.61 18.85 12.51
C ALA B 44 -21.92 18.83 14.01
N LEU B 45 -22.82 17.95 14.42
CA LEU B 45 -23.27 17.91 15.81
C LEU B 45 -22.13 17.55 16.74
N GLU B 46 -21.32 16.58 16.32
CA GLU B 46 -20.23 16.11 17.16
C GLU B 46 -19.24 17.24 17.40
N LEU B 47 -18.97 18.04 16.39
CA LEU B 47 -18.09 19.20 16.55
C LEU B 47 -18.70 20.21 17.49
N GLY B 48 -19.96 20.58 17.26
CA GLY B 48 -20.66 21.49 18.14
C GLY B 48 -20.52 21.00 19.57
N ARG B 49 -20.94 19.76 19.79
CA ARG B 49 -20.89 19.11 21.10
C ARG B 49 -19.53 19.20 21.77
N LEU B 50 -18.47 19.28 20.99
CA LEU B 50 -17.14 19.55 21.53
C LEU B 50 -16.84 21.05 21.58
N GLY B 51 -17.88 21.88 21.60
CA GLY B 51 -17.73 23.32 21.76
C GLY B 51 -17.42 24.14 20.52
N ALA B 52 -17.32 23.49 19.37
CA ALA B 52 -17.03 24.20 18.13
C ALA B 52 -18.17 25.12 17.75
N VAL B 53 -17.85 26.27 17.19
CA VAL B 53 -18.85 27.04 16.48
C VAL B 53 -18.86 26.49 15.06
N VAL B 54 -20.05 26.18 14.56
CA VAL B 54 -20.17 25.23 13.46
C VAL B 54 -21.01 25.78 12.32
N ILE B 55 -20.41 25.76 11.13
CA ILE B 55 -21.04 26.26 9.92
C ILE B 55 -21.23 25.08 8.99
N GLY B 56 -22.46 24.59 8.92
CA GLY B 56 -22.80 23.49 8.05
C GLY B 56 -23.20 24.10 6.75
N THR B 57 -22.92 23.40 5.63
CA THR B 57 -23.40 23.87 4.31
C THR B 57 -24.15 22.82 3.51
N ALA B 58 -24.96 23.30 2.59
CA ALA B 58 -25.64 22.46 1.61
C ALA B 58 -25.67 23.18 0.26
N THR B 59 -26.24 22.50 -0.73
CA THR B 59 -26.31 23.04 -2.11
C THR B 59 -27.55 23.89 -2.34
N SER B 60 -28.42 23.98 -1.34
CA SER B 60 -29.71 24.66 -1.50
C SER B 60 -30.10 25.45 -0.26
N ALA B 61 -31.03 26.38 -0.44
CA ALA B 61 -31.52 27.24 0.65
C ALA B 61 -32.36 26.42 1.63
N SER B 62 -33.26 25.61 1.07
CA SER B 62 -34.04 24.65 1.85
C SER B 62 -33.14 23.83 2.77
N GLY B 63 -32.06 23.32 2.20
CA GLY B 63 -31.06 22.56 2.96
C GLY B 63 -30.41 23.39 4.05
N ALA B 64 -29.83 24.52 3.66
CA ALA B 64 -29.15 25.41 4.60
C ALA B 64 -30.02 25.86 5.77
N GLU B 65 -31.30 26.11 5.51
CA GLU B 65 -32.26 26.47 6.55
C GLU B 65 -32.43 25.30 7.54
N LYS B 66 -32.59 24.09 7.01
CA LYS B 66 -32.78 22.89 7.82
C LYS B 66 -31.61 22.72 8.79
N ILE B 67 -30.40 22.84 8.25
CA ILE B 67 -29.19 22.71 9.06
C ILE B 67 -29.23 23.60 10.30
N ALA B 68 -29.56 24.87 10.12
CA ALA B 68 -29.64 25.81 11.24
C ALA B 68 -30.64 25.37 12.31
N GLU B 69 -31.84 24.96 11.89
CA GLU B 69 -32.85 24.48 12.84
C GLU B 69 -32.25 23.41 13.71
N THR B 70 -31.62 22.43 13.07
CA THR B 70 -30.96 21.32 13.74
C THR B 70 -29.86 21.76 14.71
N LEU B 71 -29.14 22.83 14.39
CA LEU B 71 -28.10 23.34 15.30
C LEU B 71 -28.72 23.91 16.55
N LYS B 72 -29.61 24.87 16.37
CA LYS B 72 -30.38 25.43 17.47
C LYS B 72 -30.92 24.28 18.33
N ALA B 73 -31.63 23.36 17.68
CA ALA B 73 -32.25 22.23 18.34
C ALA B 73 -31.31 21.53 19.32
N ASN B 74 -30.03 21.48 18.96
CA ASN B 74 -29.01 20.85 19.82
C ASN B 74 -28.08 21.86 20.49
N GLY B 75 -28.54 23.10 20.62
CA GLY B 75 -27.83 24.14 21.36
C GLY B 75 -26.53 24.63 20.77
N VAL B 76 -26.23 24.23 19.54
CA VAL B 76 -24.95 24.53 18.91
C VAL B 76 -24.91 25.90 18.25
N GLU B 77 -23.93 26.70 18.63
CA GLU B 77 -23.76 28.04 18.07
C GLU B 77 -23.22 27.89 16.66
N GLY B 78 -23.84 28.58 15.70
CA GLY B 78 -23.37 28.56 14.31
C GLY B 78 -24.40 28.95 13.27
N ALA B 79 -24.26 28.40 12.05
CA ALA B 79 -25.08 28.84 10.91
C ALA B 79 -25.12 27.84 9.77
N GLY B 80 -26.32 27.58 9.25
CA GLY B 80 -26.49 26.87 7.98
C GLY B 80 -26.15 27.81 6.82
N LEU B 81 -25.76 27.27 5.67
CA LEU B 81 -25.26 28.08 4.57
C LEU B 81 -25.31 27.38 3.23
N VAL B 82 -25.40 28.17 2.15
CA VAL B 82 -25.45 27.61 0.81
C VAL B 82 -24.09 27.73 0.14
N LEU B 83 -23.65 26.63 -0.45
CA LEU B 83 -22.30 26.55 -1.02
C LEU B 83 -22.21 25.51 -2.12
N ASP B 84 -21.75 25.95 -3.29
CA ASP B 84 -21.39 25.06 -4.39
C ASP B 84 -19.86 24.95 -4.45
N VAL B 85 -19.34 23.82 -3.98
CA VAL B 85 -17.88 23.61 -3.91
C VAL B 85 -17.21 23.57 -5.27
N SER B 86 -17.97 23.22 -6.31
CA SER B 86 -17.43 23.16 -7.67
C SER B 86 -17.11 24.55 -8.27
N SER B 87 -17.75 25.59 -7.74
CA SER B 87 -17.71 26.95 -8.32
C SER B 87 -16.94 27.94 -7.46
N ASP B 88 -15.82 28.44 -7.98
CA ASP B 88 -14.96 29.39 -7.27
C ASP B 88 -15.71 30.55 -6.60
N GLU B 89 -16.58 31.20 -7.38
CA GLU B 89 -17.43 32.33 -6.93
C GLU B 89 -18.12 32.00 -5.60
N SER B 90 -18.72 30.82 -5.52
CA SER B 90 -19.48 30.44 -4.34
C SER B 90 -18.56 30.41 -3.13
N VAL B 91 -17.43 29.72 -3.33
CA VAL B 91 -16.44 29.48 -2.29
C VAL B 91 -15.88 30.79 -1.77
N ALA B 92 -15.40 31.62 -2.69
CA ALA B 92 -14.83 32.91 -2.32
C ALA B 92 -15.85 33.75 -1.54
N ALA B 93 -17.10 33.71 -1.99
CA ALA B 93 -18.20 34.48 -1.39
C ALA B 93 -18.56 33.92 -0.03
N THR B 94 -18.81 32.63 0.01
CA THR B 94 -19.17 31.95 1.24
C THR B 94 -18.15 32.24 2.33
N LEU B 95 -16.86 32.00 2.07
CA LEU B 95 -15.81 32.27 3.06
C LEU B 95 -15.82 33.70 3.53
N GLU B 96 -15.80 34.62 2.57
CA GLU B 96 -15.85 36.04 2.89
C GLU B 96 -17.01 36.28 3.85
N HIS B 97 -18.20 35.82 3.46
CA HIS B 97 -19.38 35.97 4.28
C HIS B 97 -19.17 35.42 5.70
N ILE B 98 -18.70 34.18 5.78
CA ILE B 98 -18.42 33.50 7.06
C ILE B 98 -17.52 34.33 7.95
N GLN B 99 -16.43 34.83 7.36
CA GLN B 99 -15.36 35.51 8.09
C GLN B 99 -15.83 36.72 8.89
N GLN B 100 -16.50 37.65 8.21
CA GLN B 100 -16.87 38.91 8.86
C GLN B 100 -17.94 38.69 9.94
N HIS B 101 -18.87 37.78 9.68
CA HIS B 101 -19.94 37.50 10.62
C HIS B 101 -19.51 36.61 11.78
N LEU B 102 -19.07 35.40 11.48
CA LEU B 102 -18.71 34.44 12.53
C LEU B 102 -17.23 34.47 12.90
N GLY B 103 -16.36 34.46 11.89
CA GLY B 103 -14.91 34.37 12.10
C GLY B 103 -14.30 33.49 11.03
N GLN B 104 -12.99 33.30 11.08
CA GLN B 104 -12.33 32.43 10.10
C GLN B 104 -12.33 30.99 10.54
N PRO B 105 -12.81 30.08 9.66
CA PRO B 105 -12.83 28.69 10.09
C PRO B 105 -11.44 28.07 10.05
N LEU B 106 -11.07 27.34 11.08
CA LEU B 106 -9.78 26.68 11.16
C LEU B 106 -9.91 25.16 11.17
N ILE B 107 -11.10 24.67 11.51
CA ILE B 107 -11.42 23.29 11.25
C ILE B 107 -12.34 23.26 10.02
N VAL B 108 -11.84 22.72 8.93
CA VAL B 108 -12.62 22.65 7.72
C VAL B 108 -12.76 21.20 7.34
N VAL B 109 -13.98 20.76 7.06
CA VAL B 109 -14.27 19.37 6.80
C VAL B 109 -15.06 19.18 5.53
N ASN B 110 -14.43 18.48 4.57
CA ASN B 110 -15.03 18.26 3.27
C ASN B 110 -15.77 16.97 3.28
N ASN B 111 -17.06 17.05 3.11
CA ASN B 111 -17.86 15.87 3.05
C ASN B 111 -18.54 15.78 1.71
N ALA B 112 -18.41 14.60 1.12
CA ALA B 112 -18.74 14.40 -0.28
C ALA B 112 -18.24 13.01 -0.67
N GLY B 113 -19.01 12.39 -1.56
CA GLY B 113 -18.76 11.03 -2.05
C GLY B 113 -20.02 10.19 -2.12
N ASP B 126 -16.34 3.55 -16.78
CA ASP B 126 -16.45 4.78 -17.59
C ASP B 126 -16.26 6.04 -16.72
N GLU B 127 -17.31 6.40 -16.00
CA GLU B 127 -17.34 7.66 -15.34
C GLU B 127 -16.42 7.77 -14.09
N TRP B 128 -15.72 6.71 -13.66
CA TRP B 128 -14.81 6.81 -12.48
C TRP B 128 -13.83 7.98 -12.56
N PHE B 129 -13.31 8.26 -13.76
CA PHE B 129 -12.37 9.36 -13.92
C PHE B 129 -13.01 10.72 -13.63
N ASP B 130 -14.08 11.07 -14.36
CA ASP B 130 -14.77 12.36 -14.14
C ASP B 130 -15.08 12.58 -12.67
N VAL B 131 -15.70 11.56 -12.06
CA VAL B 131 -16.07 11.59 -10.64
C VAL B 131 -14.89 12.01 -9.80
N VAL B 132 -13.86 11.17 -9.83
CA VAL B 132 -12.69 11.37 -8.98
C VAL B 132 -12.03 12.69 -9.31
N ASN B 133 -11.93 13.02 -10.60
CA ASN B 133 -11.32 14.28 -11.01
C ASN B 133 -12.03 15.48 -10.40
N THR B 134 -13.35 15.44 -10.42
CA THR B 134 -14.17 16.53 -9.90
C THR B 134 -13.98 16.72 -8.40
N ASN B 135 -14.16 15.64 -7.65
CA ASN B 135 -13.90 15.63 -6.20
C ASN B 135 -12.58 16.30 -5.79
N LEU B 136 -11.47 15.85 -6.38
CA LEU B 136 -10.18 16.33 -5.94
C LEU B 136 -9.99 17.79 -6.26
N ASN B 137 -10.42 18.22 -7.43
CA ASN B 137 -10.39 19.63 -7.76
C ASN B 137 -11.14 20.45 -6.71
N SER B 138 -12.22 19.88 -6.20
CA SER B 138 -13.05 20.59 -5.24
C SER B 138 -12.32 20.62 -3.95
N LEU B 139 -12.01 19.43 -3.43
CA LEU B 139 -11.09 19.34 -2.28
C LEU B 139 -9.98 20.39 -2.36
N TYR B 140 -9.34 20.47 -3.52
CA TYR B 140 -8.32 21.48 -3.75
C TYR B 140 -8.84 22.90 -3.59
N ARG B 141 -9.78 23.27 -4.44
CA ARG B 141 -10.35 24.60 -4.45
C ARG B 141 -10.56 25.11 -3.05
N LEU B 142 -11.37 24.38 -2.30
CA LEU B 142 -11.80 24.82 -1.00
C LEU B 142 -10.63 24.88 -0.08
N SER B 143 -9.86 23.80 -0.02
CA SER B 143 -8.74 23.71 0.90
C SER B 143 -7.85 24.92 0.71
N LYS B 144 -7.46 25.17 -0.53
CA LYS B 144 -6.71 26.37 -0.85
C LYS B 144 -7.34 27.60 -0.20
N ALA B 145 -8.62 27.82 -0.44
CA ALA B 145 -9.32 29.01 0.08
C ALA B 145 -9.14 29.21 1.60
N VAL B 146 -9.32 28.15 2.37
CA VAL B 146 -9.39 28.26 3.80
C VAL B 146 -8.01 28.35 4.45
N LEU B 147 -6.98 28.15 3.63
CA LEU B 147 -5.63 28.04 4.14
C LEU B 147 -5.04 29.41 4.47
N ARG B 148 -5.47 30.43 3.76
CA ARG B 148 -5.04 31.79 4.05
C ARG B 148 -5.30 32.05 5.52
N GLY B 149 -6.51 31.70 5.97
CA GLY B 149 -6.91 31.86 7.36
C GLY B 149 -6.12 31.05 8.38
N MET B 150 -5.89 29.78 8.07
CA MET B 150 -5.19 28.89 8.99
C MET B 150 -3.74 29.35 9.09
N THR B 151 -3.23 29.86 7.97
CA THR B 151 -1.85 30.32 7.91
C THR B 151 -1.62 31.53 8.82
N LYS B 152 -2.54 32.50 8.80
CA LYS B 152 -2.44 33.63 9.71
C LYS B 152 -2.37 33.14 11.15
N ALA B 153 -3.32 32.27 11.49
CA ALA B 153 -3.43 31.74 12.84
C ALA B 153 -2.38 30.68 13.16
N ARG B 154 -1.64 30.21 12.15
CA ARG B 154 -0.58 29.21 12.37
C ARG B 154 -1.13 28.00 13.08
N TRP B 155 -2.30 27.58 12.65
CA TRP B 155 -3.00 26.45 13.23
C TRP B 155 -4.18 26.09 12.34
N GLY B 156 -4.41 24.80 12.14
CA GLY B 156 -5.55 24.35 11.34
C GLY B 156 -5.85 22.86 11.37
N ARG B 157 -7.06 22.52 10.92
CA ARG B 157 -7.44 21.14 10.64
C ARG B 157 -8.20 21.05 9.35
N ILE B 158 -7.68 20.26 8.41
CA ILE B 158 -8.44 19.89 7.23
C ILE B 158 -8.73 18.42 7.30
N ILE B 159 -10.00 18.07 7.12
CA ILE B 159 -10.42 16.71 7.27
C ILE B 159 -11.31 16.33 6.14
N ASN B 160 -10.88 15.33 5.40
CA ASN B 160 -11.49 14.97 4.14
C ASN B 160 -12.19 13.64 4.30
N ILE B 161 -13.46 13.60 3.90
CA ILE B 161 -14.28 12.42 4.14
C ILE B 161 -14.41 11.67 2.86
N GLY B 162 -14.21 10.37 2.93
CA GLY B 162 -14.30 9.54 1.74
C GLY B 162 -15.74 9.24 1.48
N SER B 163 -15.98 8.62 0.33
CA SER B 163 -17.27 8.18 -0.05
C SER B 163 -17.58 6.88 0.66
N VAL B 164 -18.87 6.62 0.80
CA VAL B 164 -19.36 5.42 1.45
C VAL B 164 -19.37 4.35 0.39
N VAL B 165 -19.28 3.09 0.82
CA VAL B 165 -19.32 2.02 -0.15
C VAL B 165 -20.77 1.84 -0.57
N GLY B 166 -20.99 1.57 -1.86
CA GLY B 166 -22.25 0.97 -2.34
C GLY B 166 -21.91 -0.38 -2.97
N ALA B 167 -22.80 -1.37 -2.86
CA ALA B 167 -22.47 -2.72 -3.36
C ALA B 167 -22.51 -2.79 -4.91
N ASN B 170 -18.84 -4.91 -8.85
CA ASN B 170 -18.33 -4.61 -10.18
C ASN B 170 -17.89 -3.14 -10.31
N ALA B 171 -18.78 -2.32 -10.86
CA ALA B 171 -18.51 -0.91 -11.11
C ALA B 171 -18.35 -0.14 -9.78
N GLY B 172 -19.21 -0.46 -8.82
CA GLY B 172 -19.11 0.09 -7.46
C GLY B 172 -17.74 -0.14 -6.85
N GLN B 173 -17.18 -1.33 -7.08
CA GLN B 173 -15.85 -1.68 -6.59
C GLN B 173 -14.77 -0.78 -7.18
N THR B 174 -14.94 -0.47 -8.47
CA THR B 174 -13.94 0.32 -9.21
C THR B 174 -13.85 1.76 -8.71
N ASN B 175 -14.99 2.41 -8.65
CA ASN B 175 -15.07 3.81 -8.21
C ASN B 175 -14.65 3.93 -6.76
N TYR B 176 -15.21 3.08 -5.90
CA TYR B 176 -14.88 3.11 -4.48
C TYR B 176 -13.37 3.14 -4.30
N ALA B 177 -12.70 2.17 -4.92
CA ALA B 177 -11.25 2.07 -4.86
C ALA B 177 -10.57 3.28 -5.49
N ALA B 178 -11.15 3.78 -6.58
CA ALA B 178 -10.55 4.87 -7.34
C ALA B 178 -10.55 6.20 -6.59
N ALA B 179 -11.65 6.52 -5.90
CA ALA B 179 -11.73 7.75 -5.13
C ALA B 179 -10.93 7.59 -3.83
N LYS B 180 -11.07 6.43 -3.21
CA LYS B 180 -10.31 6.10 -2.03
C LYS B 180 -8.81 6.25 -2.31
N ALA B 181 -8.40 5.98 -3.56
CA ALA B 181 -7.00 6.11 -3.94
C ALA B 181 -6.62 7.57 -4.10
N GLY B 182 -7.52 8.32 -4.73
CA GLY B 182 -7.34 9.73 -4.91
C GLY B 182 -7.28 10.45 -3.59
N LEU B 183 -8.22 10.11 -2.70
CA LEU B 183 -8.28 10.76 -1.40
C LEU B 183 -6.96 10.57 -0.67
N GLU B 184 -6.59 9.31 -0.46
CA GLU B 184 -5.34 8.98 0.22
C GLU B 184 -4.19 9.80 -0.30
N GLY B 185 -4.03 9.83 -1.62
CA GLY B 185 -2.87 10.45 -2.23
C GLY B 185 -2.92 11.94 -2.05
N PHE B 186 -4.02 12.52 -2.51
CA PHE B 186 -4.28 13.94 -2.38
C PHE B 186 -4.07 14.43 -0.99
N THR B 187 -4.73 13.77 -0.05
CA THR B 187 -4.62 14.12 1.35
C THR B 187 -3.17 14.19 1.76
N ARG B 188 -2.40 13.16 1.47
CA ARG B 188 -1.02 13.17 1.92
C ARG B 188 -0.32 14.40 1.34
N ALA B 189 -0.45 14.57 0.05
CA ALA B 189 0.33 15.55 -0.63
C ALA B 189 0.11 16.90 0.03
N LEU B 190 -1.15 17.22 0.24
CA LEU B 190 -1.53 18.51 0.78
C LEU B 190 -0.98 18.64 2.18
N ALA B 191 -1.02 17.55 2.94
CA ALA B 191 -0.38 17.53 4.27
C ALA B 191 1.10 17.89 4.21
N ARG B 192 1.79 17.47 3.16
CA ARG B 192 3.22 17.77 3.02
C ARG B 192 3.46 19.23 2.70
N GLU B 193 2.50 19.85 2.04
CA GLU B 193 2.65 21.19 1.51
C GLU B 193 2.30 22.26 2.56
N VAL B 194 1.59 21.89 3.63
CA VAL B 194 1.15 22.85 4.65
C VAL B 194 1.77 22.63 6.03
N GLY B 195 2.31 21.43 6.27
CA GLY B 195 2.85 21.05 7.58
C GLY B 195 3.67 22.06 8.37
N SER B 196 4.46 22.88 7.68
CA SER B 196 5.31 23.88 8.35
C SER B 196 4.50 24.82 9.24
N ARG B 197 3.24 25.06 8.83
CA ARG B 197 2.37 26.03 9.47
C ARG B 197 1.44 25.43 10.56
N ALA B 198 1.79 24.25 11.06
CA ALA B 198 1.03 23.55 12.09
C ALA B 198 -0.45 23.34 11.70
N ILE B 199 -0.65 22.86 10.47
CA ILE B 199 -1.95 22.53 9.97
C ILE B 199 -1.95 21.07 9.59
N THR B 200 -2.70 20.22 10.30
CA THR B 200 -2.86 18.84 9.86
C THR B 200 -3.93 18.70 8.77
N VAL B 201 -3.69 17.72 7.90
CA VAL B 201 -4.59 17.37 6.84
C VAL B 201 -4.75 15.85 6.92
N ASN B 202 -5.98 15.39 7.06
CA ASN B 202 -6.24 13.97 7.20
C ASN B 202 -7.52 13.58 6.51
N ALA B 203 -7.63 12.28 6.29
CA ALA B 203 -8.72 11.76 5.57
C ALA B 203 -9.37 10.72 6.46
N VAL B 204 -10.65 10.47 6.23
CA VAL B 204 -11.35 9.40 6.91
C VAL B 204 -12.07 8.63 5.83
N ALA B 205 -11.92 7.31 5.88
CA ALA B 205 -12.41 6.42 4.85
C ALA B 205 -13.53 5.57 5.41
N PRO B 206 -14.77 6.05 5.26
CA PRO B 206 -15.89 5.24 5.74
C PRO B 206 -15.99 3.90 5.01
N GLY B 207 -16.64 2.94 5.66
CA GLY B 207 -16.84 1.63 5.08
C GLY B 207 -18.27 1.54 4.61
N PHE B 208 -18.94 0.44 4.96
CA PHE B 208 -20.35 0.34 4.72
C PHE B 208 -21.11 0.93 5.90
N ILE B 209 -21.65 2.12 5.68
CA ILE B 209 -22.23 2.95 6.72
C ILE B 209 -23.73 3.01 6.62
N ASP B 210 -24.36 3.02 7.79
CA ASP B 210 -25.79 3.12 7.87
C ASP B 210 -26.22 4.55 7.57
N THR B 211 -26.64 4.74 6.34
CA THR B 211 -27.18 6.00 5.87
C THR B 211 -28.45 5.69 5.14
N ASP B 212 -29.20 6.74 4.84
CA ASP B 212 -30.41 6.61 4.07
C ASP B 212 -30.11 5.80 2.80
N MET B 213 -28.98 6.06 2.12
CA MET B 213 -28.65 5.36 0.86
C MET B 213 -28.64 3.85 1.02
N THR B 214 -27.89 3.41 2.03
CA THR B 214 -27.69 1.99 2.30
C THR B 214 -28.95 1.35 2.88
N ARG B 215 -29.63 2.07 3.77
CA ARG B 215 -30.73 1.48 4.51
C ARG B 215 -31.86 0.96 3.64
N GLU B 216 -31.88 1.27 2.34
CA GLU B 216 -32.84 0.58 1.44
C GLU B 216 -32.14 -0.14 0.31
N LEU B 217 -31.42 -1.19 0.70
CA LEU B 217 -30.90 -2.20 -0.21
C LEU B 217 -31.54 -3.53 0.21
N PRO B 218 -31.61 -4.50 -0.71
CA PRO B 218 -32.30 -5.76 -0.43
C PRO B 218 -31.77 -6.52 0.79
N GLU B 219 -32.67 -7.25 1.46
CA GLU B 219 -32.32 -7.99 2.66
C GLU B 219 -31.19 -9.02 2.39
N ALA B 220 -31.18 -9.58 1.19
CA ALA B 220 -30.14 -10.52 0.80
C ALA B 220 -28.81 -9.81 0.71
N GLN B 221 -28.72 -8.81 -0.15
CA GLN B 221 -27.47 -8.08 -0.35
C GLN B 221 -26.94 -7.39 0.90
N ARG B 222 -27.74 -7.34 1.96
CA ARG B 222 -27.31 -6.86 3.26
C ARG B 222 -26.48 -7.94 3.97
N GLU B 223 -27.10 -9.09 4.24
CA GLU B 223 -26.44 -10.18 4.95
C GLU B 223 -25.20 -10.68 4.23
N ALA B 224 -25.26 -10.70 2.89
CA ALA B 224 -24.10 -11.09 2.09
C ALA B 224 -22.93 -10.14 2.39
N LEU B 225 -23.27 -8.86 2.44
CA LEU B 225 -22.30 -7.81 2.66
C LEU B 225 -21.79 -7.77 4.10
N LEU B 226 -22.67 -8.03 5.06
CA LEU B 226 -22.28 -8.12 6.45
C LEU B 226 -21.41 -9.35 6.68
N GLY B 227 -21.59 -10.37 5.83
CA GLY B 227 -20.70 -11.53 5.84
C GLY B 227 -19.29 -11.20 5.39
N GLN B 228 -19.10 -9.99 4.89
CA GLN B 228 -17.82 -9.49 4.46
C GLN B 228 -17.21 -8.47 5.45
N ILE B 229 -18.04 -7.92 6.33
CA ILE B 229 -17.55 -7.02 7.37
C ILE B 229 -17.32 -7.83 8.63
N PRO B 230 -16.05 -7.97 9.06
CA PRO B 230 -15.70 -8.68 10.27
C PRO B 230 -16.59 -8.39 11.49
N LEU B 231 -16.90 -7.12 11.73
CA LEU B 231 -17.69 -6.75 12.91
C LEU B 231 -19.17 -7.10 12.80
N GLY B 232 -19.63 -7.45 11.59
CA GLY B 232 -20.97 -7.94 11.41
C GLY B 232 -22.07 -6.89 11.56
N ARG B 233 -21.75 -5.64 11.30
CA ARG B 233 -22.78 -4.59 11.29
C ARG B 233 -22.35 -3.45 10.40
N LEU B 234 -23.29 -2.55 10.13
CA LEU B 234 -22.97 -1.29 9.48
C LEU B 234 -22.43 -0.32 10.50
N GLY B 235 -21.66 0.65 10.01
CA GLY B 235 -21.18 1.74 10.86
C GLY B 235 -22.23 2.80 10.93
N GLN B 236 -22.50 3.31 12.13
CA GLN B 236 -23.38 4.47 12.29
C GLN B 236 -22.60 5.73 11.94
N ALA B 237 -23.28 6.71 11.36
CA ALA B 237 -22.68 7.99 11.05
C ALA B 237 -21.86 8.53 12.23
N GLU B 238 -22.48 8.57 13.41
CA GLU B 238 -21.78 9.00 14.64
C GLU B 238 -20.36 8.44 14.73
N GLU B 239 -20.20 7.18 14.34
CA GLU B 239 -18.89 6.49 14.48
C GLU B 239 -17.82 7.20 13.60
N ILE B 240 -18.23 7.69 12.44
CA ILE B 240 -17.35 8.54 11.63
C ILE B 240 -17.07 9.83 12.39
N ALA B 241 -18.15 10.52 12.75
CA ALA B 241 -18.07 11.78 13.49
C ALA B 241 -17.05 11.71 14.60
N LYS B 242 -17.18 10.73 15.48
CA LYS B 242 -16.24 10.60 16.63
C LYS B 242 -14.76 10.64 16.25
N VAL B 243 -14.44 10.06 15.10
CA VAL B 243 -13.08 10.07 14.60
C VAL B 243 -12.76 11.46 14.11
N VAL B 244 -13.70 12.03 13.36
CA VAL B 244 -13.49 13.36 12.84
C VAL B 244 -13.16 14.22 14.04
N GLY B 245 -14.00 14.11 15.07
CA GLY B 245 -13.85 14.91 16.25
C GLY B 245 -12.48 14.70 16.79
N PHE B 246 -12.01 13.48 16.74
CA PHE B 246 -10.72 13.21 17.37
C PHE B 246 -9.58 13.98 16.70
N LEU B 247 -9.56 13.86 15.38
CA LEU B 247 -8.52 14.44 14.57
C LEU B 247 -8.47 15.95 14.77
N ALA B 248 -9.66 16.54 14.90
CA ALA B 248 -9.84 17.96 15.22
C ALA B 248 -9.13 18.35 16.49
N SER B 249 -9.17 17.46 17.48
CA SER B 249 -8.63 17.75 18.81
C SER B 249 -7.15 18.07 18.76
N ASP B 250 -6.68 18.76 19.78
CA ASP B 250 -5.26 19.08 19.89
C ASP B 250 -4.44 17.83 20.09
N GLY B 251 -5.07 16.79 20.61
CA GLY B 251 -4.36 15.56 20.94
C GLY B 251 -3.78 14.95 19.69
N ALA B 252 -4.58 14.99 18.62
CA ALA B 252 -4.22 14.42 17.34
C ALA B 252 -3.59 15.47 16.43
N ALA B 253 -2.52 16.08 16.93
CA ALA B 253 -1.88 17.19 16.27
C ALA B 253 -0.61 16.75 15.57
N TYR B 254 -0.08 15.60 15.96
CA TYR B 254 1.06 15.01 15.28
C TYR B 254 0.59 13.96 14.27
N VAL B 255 -0.70 14.01 13.93
CA VAL B 255 -1.28 13.10 12.95
C VAL B 255 -1.62 13.95 11.75
N THR B 256 -0.89 13.75 10.66
CA THR B 256 -1.13 14.51 9.43
C THR B 256 -0.81 13.64 8.24
N GLY B 257 -1.56 13.90 7.16
CA GLY B 257 -1.44 13.12 5.92
C GLY B 257 -2.01 11.70 5.98
N ALA B 258 -2.78 11.39 7.01
CA ALA B 258 -3.17 10.00 7.23
C ALA B 258 -4.61 9.78 6.83
N THR B 259 -4.90 8.57 6.37
CA THR B 259 -6.24 8.19 6.06
C THR B 259 -6.63 7.11 7.05
N VAL B 260 -7.49 7.49 8.01
CA VAL B 260 -8.05 6.56 8.99
C VAL B 260 -9.24 5.78 8.40
N PRO B 261 -9.11 4.46 8.31
CA PRO B 261 -10.18 3.64 7.81
C PRO B 261 -11.18 3.30 8.88
N VAL B 262 -12.43 3.66 8.62
CA VAL B 262 -13.55 3.32 9.50
C VAL B 262 -14.48 2.39 8.76
N ASN B 263 -14.29 1.08 8.94
CA ASN B 263 -14.97 0.09 8.08
C ASN B 263 -15.26 -1.27 8.72
N GLY B 264 -15.08 -1.37 10.03
CA GLY B 264 -15.33 -2.60 10.72
C GLY B 264 -14.55 -3.79 10.18
N GLY B 265 -13.41 -3.51 9.55
CA GLY B 265 -12.50 -4.57 9.16
C GLY B 265 -12.54 -4.94 7.69
N MET B 266 -13.55 -4.49 6.94
CA MET B 266 -13.65 -4.80 5.51
C MET B 266 -12.80 -3.88 4.68
N TYR B 267 -11.61 -4.36 4.28
CA TYR B 267 -10.66 -3.58 3.49
C TYR B 267 -10.67 -3.99 2.01
N MET B 268 -10.66 -2.98 1.14
CA MET B 268 -10.73 -3.21 -0.28
C MET B 268 -9.67 -2.37 -0.98
N SER B 269 -9.08 -2.97 -1.99
CA SER B 269 -8.29 -2.25 -2.97
C SER B 269 -8.66 -2.93 -4.29
N MET C 23 -12.84 10.61 31.88
CA MET C 23 -13.34 9.37 32.56
C MET C 23 -14.34 8.61 31.72
N SER C 24 -13.83 8.00 30.65
CA SER C 24 -14.67 7.37 29.65
C SER C 24 -14.35 5.90 29.49
N LEU C 25 -13.28 5.48 30.13
CA LEU C 25 -12.93 4.08 30.27
C LEU C 25 -13.10 3.61 31.71
N GLN C 26 -14.03 4.24 32.43
CA GLN C 26 -14.27 3.88 33.81
C GLN C 26 -14.73 2.45 33.90
N GLY C 27 -14.22 1.73 34.90
CA GLY C 27 -14.63 0.36 35.13
C GLY C 27 -14.07 -0.58 34.10
N LYS C 28 -13.05 -0.14 33.37
CA LYS C 28 -12.39 -0.99 32.40
C LYS C 28 -10.94 -1.13 32.82
N VAL C 29 -10.47 -2.37 32.80
CA VAL C 29 -9.11 -2.72 33.24
C VAL C 29 -8.12 -2.83 32.09
N ALA C 30 -7.19 -1.89 31.99
CA ALA C 30 -6.27 -1.87 30.86
C ALA C 30 -4.93 -2.51 31.24
N LEU C 31 -4.29 -3.08 30.23
CA LEU C 31 -2.96 -3.67 30.39
C LEU C 31 -2.02 -3.04 29.38
N VAL C 32 -1.01 -2.34 29.87
CA VAL C 32 -0.01 -1.68 29.02
C VAL C 32 1.33 -2.36 29.32
N THR C 33 1.94 -2.93 28.29
CA THR C 33 3.20 -3.61 28.44
C THR C 33 4.28 -2.62 28.15
N GLY C 34 5.39 -2.71 28.89
CA GLY C 34 6.52 -1.81 28.72
C GLY C 34 6.16 -0.37 29.01
N ALA C 35 5.65 -0.15 30.23
CA ALA C 35 5.05 1.12 30.63
C ALA C 35 5.90 1.88 31.62
N SER C 36 7.16 1.52 31.78
CA SER C 36 8.00 2.20 32.74
C SER C 36 8.51 3.55 32.21
N ARG C 37 8.59 3.69 30.89
CA ARG C 37 9.26 4.84 30.27
C ARG C 37 8.58 5.35 29.02
N GLY C 38 8.88 6.59 28.68
CA GLY C 38 8.45 7.22 27.45
C GLY C 38 7.04 6.88 27.02
N ILE C 39 6.93 6.39 25.78
CA ILE C 39 5.66 6.18 25.12
C ILE C 39 4.73 5.30 25.93
N GLY C 40 5.26 4.23 26.51
CA GLY C 40 4.42 3.26 27.23
C GLY C 40 3.82 3.88 28.47
N GLN C 41 4.67 4.51 29.26
CA GLN C 41 4.23 5.25 30.43
C GLN C 41 3.20 6.32 30.06
N ALA C 42 3.42 7.03 28.95
CA ALA C 42 2.46 8.05 28.53
C ALA C 42 1.12 7.41 28.23
N ILE C 43 1.14 6.23 27.62
CA ILE C 43 -0.10 5.48 27.39
C ILE C 43 -0.72 5.12 28.72
N ALA C 44 0.06 4.62 29.65
CA ALA C 44 -0.48 4.20 30.95
C ALA C 44 -1.25 5.33 31.61
N LEU C 45 -0.61 6.48 31.75
CA LEU C 45 -1.24 7.62 32.43
C LEU C 45 -2.50 8.08 31.68
N GLU C 46 -2.43 8.13 30.36
CA GLU C 46 -3.53 8.64 29.58
C GLU C 46 -4.75 7.75 29.76
N LEU C 47 -4.52 6.45 29.83
CA LEU C 47 -5.62 5.52 30.10
C LEU C 47 -6.19 5.73 31.49
N GLY C 48 -5.32 5.79 32.49
CA GLY C 48 -5.75 6.05 33.86
C GLY C 48 -6.62 7.29 33.89
N ARG C 49 -6.06 8.39 33.39
CA ARG C 49 -6.74 9.68 33.27
C ARG C 49 -8.12 9.60 32.61
N LEU C 50 -8.33 8.63 31.73
CA LEU C 50 -9.66 8.34 31.21
C LEU C 50 -10.41 7.29 32.05
N GLY C 51 -10.03 7.15 33.32
CA GLY C 51 -10.74 6.28 34.26
C GLY C 51 -10.41 4.81 34.24
N ALA C 52 -9.48 4.42 33.38
CA ALA C 52 -9.10 3.01 33.29
C ALA C 52 -8.40 2.57 34.57
N VAL C 53 -8.65 1.33 34.98
CA VAL C 53 -7.78 0.72 35.95
C VAL C 53 -6.66 0.09 35.14
N VAL C 54 -5.42 0.37 35.56
CA VAL C 54 -4.30 0.25 34.65
C VAL C 54 -3.19 -0.59 35.23
N ILE C 55 -2.80 -1.61 34.46
CA ILE C 55 -1.76 -2.53 34.85
C ILE C 55 -0.61 -2.33 33.89
N GLY C 56 0.43 -1.65 34.36
CA GLY C 56 1.63 -1.44 33.57
C GLY C 56 2.57 -2.57 33.86
N THR C 57 3.36 -2.99 32.87
CA THR C 57 4.35 -4.03 33.09
C THR C 57 5.73 -3.67 32.58
N ALA C 58 6.71 -4.33 33.19
CA ALA C 58 8.10 -4.23 32.78
C ALA C 58 8.77 -5.59 32.90
N THR C 59 10.03 -5.66 32.50
CA THR C 59 10.78 -6.91 32.47
C THR C 59 11.47 -7.19 33.80
N SER C 60 11.38 -6.26 34.74
CA SER C 60 12.10 -6.38 36.00
C SER C 60 11.27 -5.88 37.19
N ALA C 61 11.69 -6.28 38.38
CA ALA C 61 11.00 -5.90 39.61
C ALA C 61 11.21 -4.41 39.90
N SER C 62 12.46 -3.97 39.76
CA SER C 62 12.81 -2.55 39.88
C SER C 62 11.90 -1.69 39.00
N GLY C 63 11.72 -2.15 37.76
CA GLY C 63 10.82 -1.49 36.82
C GLY C 63 9.39 -1.47 37.30
N ALA C 64 8.86 -2.66 37.58
CA ALA C 64 7.46 -2.82 38.01
C ALA C 64 7.13 -1.97 39.23
N GLU C 65 8.09 -1.85 40.15
CA GLU C 65 7.94 -1.00 41.34
C GLU C 65 7.76 0.43 40.94
N LYS C 66 8.65 0.88 40.05
CA LYS C 66 8.65 2.26 39.59
C LYS C 66 7.29 2.62 39.02
N ILE C 67 6.78 1.75 38.15
CA ILE C 67 5.48 1.98 37.50
C ILE C 67 4.39 2.28 38.52
N ALA C 68 4.31 1.46 39.57
CA ALA C 68 3.31 1.66 40.63
C ALA C 68 3.45 3.02 41.31
N GLU C 69 4.66 3.41 41.68
CA GLU C 69 4.90 4.72 42.30
C GLU C 69 4.28 5.81 41.45
N THR C 70 4.62 5.76 40.17
CA THR C 70 4.09 6.68 39.17
C THR C 70 2.57 6.70 39.07
N LEU C 71 1.93 5.54 39.21
CA LEU C 71 0.47 5.47 39.15
C LEU C 71 -0.12 6.20 40.35
N LYS C 72 0.28 5.77 41.53
CA LYS C 72 -0.13 6.44 42.76
C LYS C 72 0.07 7.94 42.61
N ALA C 73 1.29 8.33 42.23
CA ALA C 73 1.65 9.74 42.05
C ALA C 73 0.61 10.52 41.26
N ASN C 74 0.00 9.87 40.27
CA ASN C 74 -1.04 10.51 39.44
C ASN C 74 -2.46 10.02 39.74
N GLY C 75 -2.64 9.47 40.94
CA GLY C 75 -3.96 9.06 41.41
C GLY C 75 -4.61 7.87 40.70
N VAL C 76 -3.85 7.18 39.85
CA VAL C 76 -4.42 6.12 39.02
C VAL C 76 -4.47 4.78 39.76
N GLU C 77 -5.66 4.18 39.79
CA GLU C 77 -5.84 2.89 40.40
C GLU C 77 -5.23 1.85 39.48
N GLY C 78 -4.43 0.95 40.06
CA GLY C 78 -3.84 -0.15 39.30
C GLY C 78 -2.61 -0.76 39.94
N ALA C 79 -1.73 -1.30 39.10
CA ALA C 79 -0.58 -2.09 39.61
C ALA C 79 0.54 -2.22 38.60
N GLY C 80 1.77 -1.99 39.07
CA GLY C 80 2.96 -2.35 38.29
C GLY C 80 3.12 -3.86 38.35
N LEU C 81 3.79 -4.45 37.36
CA LEU C 81 3.89 -5.93 37.28
C LEU C 81 5.02 -6.39 36.37
N VAL C 82 5.56 -7.57 36.66
CA VAL C 82 6.69 -8.12 35.92
C VAL C 82 6.18 -9.11 34.88
N LEU C 83 6.67 -8.98 33.67
CA LEU C 83 6.19 -9.80 32.58
C LEU C 83 7.20 -9.92 31.47
N ASP C 84 7.52 -11.17 31.12
CA ASP C 84 8.33 -11.49 29.94
C ASP C 84 7.41 -12.01 28.83
N VAL C 85 7.13 -11.15 27.86
CA VAL C 85 6.18 -11.45 26.77
C VAL C 85 6.65 -12.59 25.88
N SER C 86 7.96 -12.84 25.84
CA SER C 86 8.50 -13.91 25.03
C SER C 86 8.19 -15.30 25.61
N SER C 87 7.88 -15.38 26.91
CA SER C 87 7.77 -16.66 27.65
C SER C 87 6.37 -16.97 28.08
N ASP C 88 5.81 -18.04 27.52
CA ASP C 88 4.40 -18.44 27.77
C ASP C 88 4.07 -18.47 29.27
N GLU C 89 4.94 -19.11 30.06
CA GLU C 89 4.79 -19.22 31.52
C GLU C 89 4.46 -17.85 32.12
N SER C 90 5.19 -16.83 31.72
CA SER C 90 5.07 -15.52 32.35
C SER C 90 3.69 -14.99 32.09
N VAL C 91 3.33 -15.06 30.83
CA VAL C 91 2.08 -14.56 30.31
C VAL C 91 0.89 -15.23 30.97
N ALA C 92 0.91 -16.57 30.97
CA ALA C 92 -0.15 -17.33 31.59
C ALA C 92 -0.29 -16.99 33.08
N ALA C 93 0.85 -16.83 33.74
CA ALA C 93 0.89 -16.55 35.16
C ALA C 93 0.42 -15.15 35.42
N THR C 94 1.02 -14.19 34.69
CA THR C 94 0.70 -12.79 34.86
C THR C 94 -0.80 -12.56 34.71
N LEU C 95 -1.38 -13.03 33.62
CA LEU C 95 -2.83 -12.89 33.41
C LEU C 95 -3.63 -13.48 34.54
N GLU C 96 -3.34 -14.74 34.87
CA GLU C 96 -4.01 -15.38 35.97
C GLU C 96 -3.96 -14.48 37.17
N HIS C 97 -2.77 -14.04 37.53
CA HIS C 97 -2.60 -13.16 38.67
C HIS C 97 -3.47 -11.92 38.60
N ILE C 98 -3.40 -11.24 37.45
CA ILE C 98 -4.17 -10.02 37.18
C ILE C 98 -5.64 -10.24 37.41
N GLN C 99 -6.14 -11.33 36.84
CA GLN C 99 -7.55 -11.60 36.87
C GLN C 99 -8.13 -11.66 38.28
N GLN C 100 -7.46 -12.41 39.15
CA GLN C 100 -7.93 -12.68 40.51
C GLN C 100 -7.95 -11.42 41.33
N HIS C 101 -6.85 -10.70 41.28
CA HIS C 101 -6.69 -9.48 42.06
C HIS C 101 -7.50 -8.31 41.51
N LEU C 102 -7.23 -7.92 40.27
CA LEU C 102 -7.85 -6.72 39.70
C LEU C 102 -9.09 -6.99 38.85
N GLY C 103 -9.02 -7.99 37.96
CA GLY C 103 -10.10 -8.31 37.03
C GLY C 103 -9.52 -8.70 35.67
N GLN C 104 -10.37 -9.00 34.69
CA GLN C 104 -9.87 -9.36 33.36
C GLN C 104 -9.65 -8.15 32.48
N PRO C 105 -8.45 -8.02 31.92
CA PRO C 105 -8.22 -6.82 31.12
C PRO C 105 -8.92 -6.96 29.78
N LEU C 106 -9.59 -5.90 29.35
CA LEU C 106 -10.22 -5.87 28.03
C LEU C 106 -9.59 -4.85 27.10
N ILE C 107 -8.85 -3.89 27.65
CA ILE C 107 -7.98 -3.06 26.84
C ILE C 107 -6.54 -3.55 27.06
N VAL C 108 -5.96 -4.13 26.03
CA VAL C 108 -4.61 -4.65 26.14
C VAL C 108 -3.76 -3.93 25.12
N VAL C 109 -2.62 -3.41 25.55
CA VAL C 109 -1.78 -2.59 24.71
C VAL C 109 -0.34 -3.06 24.70
N ASN C 110 0.11 -3.49 23.52
CA ASN C 110 1.44 -4.03 23.37
C ASN C 110 2.40 -2.94 22.96
N ASN C 111 3.34 -2.68 23.82
CA ASN C 111 4.30 -1.66 23.53
C ASN C 111 5.70 -2.04 24.01
N ALA C 112 5.94 -3.34 24.22
CA ALA C 112 7.23 -3.81 24.77
C ALA C 112 8.11 -4.08 23.58
N ASP C 126 21.31 -8.45 8.53
CA ASP C 126 21.15 -9.67 9.35
C ASP C 126 19.87 -9.58 10.22
N GLU C 127 19.94 -8.70 11.22
CA GLU C 127 19.06 -8.64 12.39
C GLU C 127 17.55 -8.55 12.12
N TRP C 128 17.19 -7.89 11.03
CA TRP C 128 15.78 -7.51 10.79
C TRP C 128 14.77 -8.66 10.91
N PHE C 129 15.13 -9.83 10.40
CA PHE C 129 14.21 -10.96 10.45
C PHE C 129 13.94 -11.40 11.88
N ASP C 130 14.99 -11.75 12.62
CA ASP C 130 14.83 -12.20 14.03
C ASP C 130 13.96 -11.21 14.81
N VAL C 131 14.34 -9.94 14.72
CA VAL C 131 13.64 -8.87 15.43
C VAL C 131 12.16 -8.97 15.16
N VAL C 132 11.80 -8.80 13.90
CA VAL C 132 10.41 -8.76 13.50
C VAL C 132 9.70 -10.06 13.83
N ASN C 133 10.37 -11.18 13.59
CA ASN C 133 9.78 -12.48 13.88
C ASN C 133 9.40 -12.58 15.36
N THR C 134 10.30 -12.12 16.24
CA THR C 134 10.14 -12.23 17.69
C THR C 134 8.95 -11.41 18.13
N ASN C 135 8.96 -10.13 17.76
CA ASN C 135 7.83 -9.23 18.02
C ASN C 135 6.47 -9.83 17.71
N LEU C 136 6.28 -10.31 16.49
CA LEU C 136 4.96 -10.75 16.07
C LEU C 136 4.53 -11.98 16.83
N ASN C 137 5.43 -12.91 17.04
CA ASN C 137 5.14 -14.07 17.88
C ASN C 137 4.68 -13.65 19.27
N SER C 138 5.28 -12.60 19.80
CA SER C 138 4.92 -12.10 21.12
C SER C 138 3.55 -11.46 21.02
N LEU C 139 3.42 -10.44 20.19
CA LEU C 139 2.10 -9.90 19.85
C LEU C 139 1.05 -11.01 19.79
N TYR C 140 1.35 -12.07 19.06
CA TYR C 140 0.45 -13.23 18.97
C TYR C 140 0.20 -13.88 20.32
N ARG C 141 1.26 -14.36 20.95
CA ARG C 141 1.19 -15.03 22.26
C ARG C 141 0.21 -14.33 23.18
N LEU C 142 0.52 -13.06 23.46
CA LEU C 142 -0.20 -12.28 24.44
C LEU C 142 -1.60 -12.09 23.98
N SER C 143 -1.76 -11.63 22.75
CA SER C 143 -3.07 -11.35 22.20
C SER C 143 -3.96 -12.58 22.37
N LYS C 144 -3.49 -13.73 21.91
CA LYS C 144 -4.18 -14.97 22.13
C LYS C 144 -4.65 -15.09 23.59
N ALA C 145 -3.72 -14.94 24.53
CA ALA C 145 -4.03 -15.11 25.97
C ALA C 145 -5.24 -14.27 26.45
N VAL C 146 -5.25 -13.00 26.08
CA VAL C 146 -6.21 -12.05 26.62
C VAL C 146 -7.56 -12.16 25.94
N LEU C 147 -7.62 -12.93 24.87
CA LEU C 147 -8.81 -12.99 24.04
C LEU C 147 -9.90 -13.84 24.66
N ARG C 148 -9.51 -14.86 25.43
CA ARG C 148 -10.48 -15.69 26.13
C ARG C 148 -11.38 -14.76 26.92
N GLY C 149 -10.77 -13.82 27.65
CA GLY C 149 -11.50 -12.86 28.46
C GLY C 149 -12.39 -11.90 27.67
N MET C 150 -11.87 -11.37 26.57
CA MET C 150 -12.61 -10.39 25.79
C MET C 150 -13.80 -11.10 25.13
N THR C 151 -13.59 -12.37 24.79
CA THR C 151 -14.62 -13.17 24.14
C THR C 151 -15.82 -13.40 25.05
N LYS C 152 -15.57 -13.75 26.31
CA LYS C 152 -16.66 -13.90 27.28
C LYS C 152 -17.46 -12.61 27.32
N ALA C 153 -16.75 -11.49 27.49
CA ALA C 153 -17.38 -10.19 27.64
C ALA C 153 -17.92 -9.64 26.33
N ARG C 154 -17.59 -10.28 25.20
CA ARG C 154 -18.04 -9.84 23.88
C ARG C 154 -17.70 -8.36 23.67
N TRP C 155 -16.48 -8.00 24.05
CA TRP C 155 -15.99 -6.63 23.93
C TRP C 155 -14.49 -6.63 24.21
N GLY C 156 -13.74 -5.88 23.41
CA GLY C 156 -12.30 -5.72 23.65
C GLY C 156 -11.59 -4.63 22.85
N ARG C 157 -10.38 -4.30 23.30
CA ARG C 157 -9.45 -3.47 22.53
C ARG C 157 -8.03 -4.01 22.60
N ILE C 158 -7.49 -4.32 21.45
CA ILE C 158 -6.10 -4.64 21.34
C ILE C 158 -5.45 -3.53 20.54
N ILE C 159 -4.36 -3.01 21.08
CA ILE C 159 -3.71 -1.88 20.47
C ILE C 159 -2.24 -2.14 20.47
N ASN C 160 -1.69 -2.16 19.26
CA ASN C 160 -0.32 -2.53 19.05
C ASN C 160 0.51 -1.32 18.66
N ILE C 161 1.63 -1.12 19.35
CA ILE C 161 2.44 0.07 19.14
C ILE C 161 3.64 -0.29 18.31
N GLY C 162 3.95 0.53 17.32
CA GLY C 162 5.08 0.28 16.45
C GLY C 162 6.32 0.80 17.13
N SER C 163 7.46 0.51 16.52
CA SER C 163 8.75 1.04 16.96
C SER C 163 8.96 2.44 16.36
N VAL C 164 9.99 3.16 16.81
CA VAL C 164 10.11 4.58 16.56
C VAL C 164 11.04 4.92 15.38
N ASN C 170 20.21 3.85 6.51
CA ASN C 170 20.61 2.55 5.96
C ASN C 170 19.91 1.39 6.67
N ALA C 171 20.58 0.81 7.68
CA ALA C 171 20.05 -0.36 8.39
C ALA C 171 18.81 0.00 9.20
N GLY C 172 18.85 1.17 9.83
CA GLY C 172 17.70 1.71 10.54
C GLY C 172 16.46 1.79 9.64
N GLN C 173 16.67 2.19 8.40
CA GLN C 173 15.58 2.29 7.42
C GLN C 173 14.97 0.94 7.11
N THR C 174 15.80 -0.09 7.04
CA THR C 174 15.38 -1.45 6.71
C THR C 174 14.48 -2.06 7.80
N ASN C 175 14.95 -2.03 9.05
CA ASN C 175 14.21 -2.57 10.18
C ASN C 175 12.91 -1.81 10.41
N TYR C 176 13.01 -0.48 10.45
CA TYR C 176 11.84 0.36 10.66
C TYR C 176 10.73 -0.07 9.71
N ALA C 177 11.05 -0.10 8.42
CA ALA C 177 10.07 -0.50 7.40
C ALA C 177 9.60 -1.94 7.58
N ALA C 178 10.52 -2.81 7.98
CA ALA C 178 10.25 -4.24 8.10
C ALA C 178 9.26 -4.57 9.21
N ALA C 179 9.41 -3.92 10.36
CA ALA C 179 8.51 -4.16 11.48
C ALA C 179 7.18 -3.46 11.23
N LYS C 180 7.27 -2.24 10.71
CA LYS C 180 6.11 -1.50 10.34
C LYS C 180 5.25 -2.29 9.34
N ALA C 181 5.90 -3.11 8.52
CA ALA C 181 5.17 -3.91 7.54
C ALA C 181 4.51 -5.08 8.23
N GLY C 182 5.26 -5.68 9.15
CA GLY C 182 4.74 -6.79 9.93
C GLY C 182 3.56 -6.33 10.76
N LEU C 183 3.71 -5.19 11.43
CA LEU C 183 2.70 -4.73 12.33
C LEU C 183 1.41 -4.56 11.55
N GLU C 184 1.45 -3.74 10.51
CA GLU C 184 0.27 -3.49 9.66
C GLU C 184 -0.44 -4.76 9.25
N GLY C 185 0.34 -5.73 8.76
CA GLY C 185 -0.24 -6.97 8.25
C GLY C 185 -0.83 -7.79 9.38
N PHE C 186 0.01 -8.08 10.38
CA PHE C 186 -0.40 -8.81 11.56
C PHE C 186 -1.65 -8.26 12.17
N THR C 187 -1.61 -6.96 12.43
CA THR C 187 -2.73 -6.27 13.04
C THR C 187 -3.98 -6.54 12.26
N ARG C 188 -3.93 -6.34 10.95
CA ARG C 188 -5.13 -6.48 10.15
C ARG C 188 -5.68 -7.90 10.11
N ALA C 189 -4.78 -8.87 10.19
CA ALA C 189 -5.19 -10.27 10.14
C ALA C 189 -5.96 -10.59 11.38
N LEU C 190 -5.37 -10.22 12.51
CA LEU C 190 -5.93 -10.55 13.81
C LEU C 190 -7.27 -9.88 13.97
N ALA C 191 -7.37 -8.65 13.48
CA ALA C 191 -8.65 -7.93 13.42
C ALA C 191 -9.72 -8.70 12.67
N ARG C 192 -9.33 -9.38 11.59
CA ARG C 192 -10.28 -10.18 10.80
C ARG C 192 -10.73 -11.44 11.56
N GLU C 193 -9.87 -11.95 12.44
CA GLU C 193 -10.07 -13.23 13.05
C GLU C 193 -10.92 -13.09 14.31
N VAL C 194 -11.03 -11.88 14.84
CA VAL C 194 -11.76 -11.65 16.10
C VAL C 194 -13.03 -10.79 15.94
N GLY C 195 -13.12 -10.04 14.85
CA GLY C 195 -14.19 -9.07 14.64
C GLY C 195 -15.58 -9.48 15.03
N SER C 196 -15.95 -10.74 14.86
CA SER C 196 -17.33 -11.20 15.16
C SER C 196 -17.72 -10.90 16.61
N ARG C 197 -16.69 -10.90 17.48
CA ARG C 197 -16.87 -10.77 18.94
C ARG C 197 -16.77 -9.34 19.48
N ALA C 198 -16.88 -8.35 18.59
CA ALA C 198 -16.82 -6.92 18.92
C ALA C 198 -15.54 -6.53 19.65
N ILE C 199 -14.44 -7.00 19.09
CA ILE C 199 -13.12 -6.71 19.60
C ILE C 199 -12.32 -6.04 18.49
N THR C 200 -12.01 -4.76 18.63
CA THR C 200 -11.15 -4.12 17.66
C THR C 200 -9.69 -4.40 17.95
N VAL C 201 -8.93 -4.44 16.87
CA VAL C 201 -7.49 -4.62 16.92
C VAL C 201 -6.91 -3.53 16.03
N ASN C 202 -6.02 -2.71 16.58
CA ASN C 202 -5.45 -1.62 15.83
C ASN C 202 -4.03 -1.37 16.21
N ALA C 203 -3.35 -0.65 15.35
CA ALA C 203 -1.97 -0.43 15.49
C ALA C 203 -1.76 1.06 15.46
N VAL C 204 -0.69 1.51 16.07
CA VAL C 204 -0.29 2.89 16.01
C VAL C 204 1.18 2.89 15.63
N ALA C 205 1.49 3.72 14.64
CA ALA C 205 2.81 3.75 14.05
C ALA C 205 3.50 5.07 14.37
N PRO C 206 4.30 5.09 15.44
CA PRO C 206 4.96 6.33 15.80
C PRO C 206 5.97 6.73 14.75
N GLY C 207 6.32 8.01 14.71
CA GLY C 207 7.25 8.53 13.75
C GLY C 207 8.52 8.79 14.51
N PHE C 208 9.09 9.98 14.33
CA PHE C 208 10.26 10.37 15.12
C PHE C 208 9.78 11.07 16.36
N ILE C 209 9.88 10.33 17.46
CA ILE C 209 9.27 10.73 18.72
C ILE C 209 10.34 11.18 19.71
N ASP C 210 9.99 12.20 20.49
CA ASP C 210 10.85 12.70 21.53
C ASP C 210 10.86 11.72 22.73
N THR C 211 11.89 10.88 22.75
CA THR C 211 12.14 9.93 23.83
C THR C 211 13.59 10.06 24.22
N ASP C 212 13.99 9.39 25.29
CA ASP C 212 15.38 9.49 25.78
C ASP C 212 16.43 9.29 24.68
N MET C 213 16.28 8.21 23.91
CA MET C 213 17.26 7.85 22.87
C MET C 213 17.43 9.00 21.88
N THR C 214 16.32 9.54 21.39
CA THR C 214 16.32 10.60 20.39
C THR C 214 16.79 11.95 20.95
N ARG C 215 16.33 12.29 22.15
CA ARG C 215 16.55 13.67 22.64
C ARG C 215 18.03 14.08 22.68
N GLU C 216 18.94 13.10 22.67
CA GLU C 216 20.37 13.41 22.57
C GLU C 216 21.02 12.72 21.38
N LEU C 217 20.68 13.20 20.20
CA LEU C 217 21.36 12.87 18.94
C LEU C 217 21.96 14.19 18.44
N PRO C 218 23.00 14.12 17.58
CA PRO C 218 23.71 15.36 17.18
C PRO C 218 22.82 16.45 16.59
N GLU C 219 23.23 17.71 16.81
CA GLU C 219 22.47 18.89 16.35
C GLU C 219 22.20 18.82 14.84
N ALA C 220 23.18 18.29 14.11
CA ALA C 220 23.06 18.18 12.67
C ALA C 220 21.98 17.17 12.31
N GLN C 221 22.16 15.93 12.76
CA GLN C 221 21.21 14.85 12.44
C GLN C 221 19.79 15.09 12.94
N ARG C 222 19.60 16.10 13.80
CA ARG C 222 18.26 16.51 14.21
C ARG C 222 17.63 17.34 13.10
N GLU C 223 18.25 18.47 12.77
CA GLU C 223 17.68 19.40 11.77
C GLU C 223 17.52 18.74 10.39
N ALA C 224 18.46 17.87 10.05
CA ALA C 224 18.36 17.12 8.80
C ALA C 224 17.09 16.29 8.80
N LEU C 225 16.85 15.66 9.94
CA LEU C 225 15.70 14.80 10.11
C LEU C 225 14.37 15.56 10.24
N LEU C 226 14.41 16.70 10.91
CA LEU C 226 13.26 17.57 10.99
C LEU C 226 12.94 18.17 9.61
N GLY C 227 13.96 18.27 8.75
CA GLY C 227 13.76 18.67 7.36
C GLY C 227 13.03 17.62 6.56
N GLN C 228 12.84 16.46 7.15
CA GLN C 228 12.07 15.39 6.52
C GLN C 228 10.69 15.25 7.11
N ILE C 229 10.47 15.82 8.29
CA ILE C 229 9.15 15.80 8.91
C ILE C 229 8.44 17.10 8.54
N PRO C 230 7.37 17.02 7.70
CA PRO C 230 6.55 18.17 7.35
C PRO C 230 6.18 19.14 8.50
N LEU C 231 5.80 18.61 9.67
CA LEU C 231 5.41 19.46 10.81
C LEU C 231 6.58 20.12 11.51
N GLY C 232 7.80 19.70 11.20
CA GLY C 232 9.00 20.37 11.71
C GLY C 232 9.30 20.19 13.19
N ARG C 233 8.85 19.11 13.78
CA ARG C 233 9.15 18.83 15.18
C ARG C 233 9.07 17.35 15.44
N LEU C 234 9.56 16.95 16.61
CA LEU C 234 9.36 15.60 17.09
C LEU C 234 7.98 15.46 17.69
N GLY C 235 7.49 14.24 17.74
CA GLY C 235 6.26 13.96 18.44
C GLY C 235 6.56 13.72 19.91
N GLN C 236 5.77 14.31 20.81
CA GLN C 236 5.84 13.97 22.22
C GLN C 236 5.12 12.63 22.45
N ALA C 237 5.63 11.83 23.40
CA ALA C 237 4.98 10.58 23.79
C ALA C 237 3.47 10.76 23.98
N GLU C 238 3.07 11.73 24.79
CA GLU C 238 1.65 12.05 25.00
C GLU C 238 0.82 12.01 23.69
N GLU C 239 1.41 12.50 22.59
CA GLU C 239 0.70 12.55 21.34
C GLU C 239 0.33 11.13 20.86
N ILE C 240 1.21 10.17 21.09
CA ILE C 240 0.87 8.78 20.82
C ILE C 240 -0.26 8.35 21.75
N ALA C 241 -0.04 8.54 23.05
CA ALA C 241 -1.00 8.21 24.08
C ALA C 241 -2.40 8.67 23.68
N LYS C 242 -2.57 9.94 23.39
CA LYS C 242 -3.88 10.47 23.01
C LYS C 242 -4.64 9.64 21.94
N VAL C 243 -3.89 9.13 20.98
CA VAL C 243 -4.46 8.32 19.94
C VAL C 243 -4.82 7.00 20.54
N VAL C 244 -3.90 6.45 21.32
CA VAL C 244 -4.17 5.16 21.92
C VAL C 244 -5.46 5.29 22.69
N GLY C 245 -5.55 6.35 23.47
CA GLY C 245 -6.72 6.60 24.27
C GLY C 245 -7.95 6.65 23.39
N PHE C 246 -7.82 7.25 22.22
CA PHE C 246 -8.98 7.39 21.38
C PHE C 246 -9.52 6.03 20.97
N LEU C 247 -8.62 5.20 20.46
CA LEU C 247 -8.98 3.91 19.90
C LEU C 247 -9.67 3.04 20.95
N ALA C 248 -9.17 3.15 22.18
CA ALA C 248 -9.76 2.53 23.37
C ALA C 248 -11.22 2.90 23.53
N SER C 249 -11.54 4.17 23.27
CA SER C 249 -12.88 4.72 23.50
C SER C 249 -13.93 3.97 22.72
N ASP C 250 -15.17 4.06 23.19
CA ASP C 250 -16.29 3.42 22.50
C ASP C 250 -16.53 4.09 21.17
N GLY C 251 -16.08 5.33 21.04
CA GLY C 251 -16.34 6.09 19.83
C GLY C 251 -15.68 5.43 18.65
N ALA C 252 -14.46 4.95 18.91
CA ALA C 252 -13.66 4.31 17.88
C ALA C 252 -13.84 2.79 17.92
N ALA C 253 -15.10 2.39 17.78
CA ALA C 253 -15.50 1.00 17.87
C ALA C 253 -15.75 0.37 16.52
N TYR C 254 -15.94 1.20 15.50
CA TYR C 254 -16.01 0.70 14.13
C TYR C 254 -14.64 0.84 13.42
N VAL C 255 -13.59 1.03 14.19
CA VAL C 255 -12.24 1.13 13.66
C VAL C 255 -11.47 -0.09 14.11
N THR C 256 -11.17 -0.97 13.17
CA THR C 256 -10.48 -2.20 13.47
C THR C 256 -9.60 -2.57 12.30
N GLY C 257 -8.49 -3.22 12.62
CA GLY C 257 -7.47 -3.60 11.64
C GLY C 257 -6.62 -2.45 11.09
N ALA C 258 -6.70 -1.28 11.69
CA ALA C 258 -6.11 -0.10 11.10
C ALA C 258 -4.80 0.25 11.79
N THR C 259 -3.88 0.81 11.02
CA THR C 259 -2.66 1.29 11.54
C THR C 259 -2.67 2.80 11.38
N VAL C 260 -2.91 3.50 12.48
CA VAL C 260 -2.89 4.96 12.49
C VAL C 260 -1.44 5.48 12.56
N PRO C 261 -1.01 6.21 11.52
CA PRO C 261 0.31 6.78 11.51
C PRO C 261 0.41 8.09 12.25
N VAL C 262 1.28 8.11 13.26
CA VAL C 262 1.54 9.31 14.04
C VAL C 262 2.97 9.71 13.80
N ASN C 263 3.20 10.57 12.81
CA ASN C 263 4.55 10.84 12.31
C ASN C 263 4.77 12.25 11.74
N GLY C 264 3.79 13.14 11.91
CA GLY C 264 3.91 14.49 11.44
C GLY C 264 4.17 14.59 9.96
N GLY C 265 3.76 13.57 9.22
CA GLY C 265 3.80 13.66 7.78
C GLY C 265 4.94 12.90 7.10
N MET C 266 5.93 12.46 7.86
CA MET C 266 7.06 11.71 7.29
C MET C 266 6.72 10.25 7.11
N TYR C 267 6.37 9.88 5.88
CA TYR C 267 6.02 8.48 5.54
C TYR C 267 7.17 7.73 4.82
N MET C 268 7.41 6.50 5.26
CA MET C 268 8.51 5.69 4.75
C MET C 268 8.04 4.25 4.49
N SER C 269 8.59 3.62 3.45
CA SER C 269 8.37 2.19 3.22
C SER C 269 9.68 1.50 2.81
N LEU D 18 33.00 -25.73 -27.25
CA LEU D 18 32.58 -24.85 -26.12
C LEU D 18 31.37 -24.01 -26.53
N TYR D 19 30.54 -23.71 -25.55
CA TYR D 19 29.11 -23.42 -25.74
C TYR D 19 28.85 -21.93 -26.03
N PHE D 20 29.01 -21.09 -25.00
CA PHE D 20 29.35 -19.66 -25.12
C PHE D 20 28.25 -18.78 -25.70
N GLN D 21 27.29 -18.51 -24.84
CA GLN D 21 26.00 -17.93 -25.16
C GLN D 21 25.96 -16.43 -24.84
N SER D 22 24.86 -15.77 -25.21
CA SER D 22 24.68 -14.36 -24.84
C SER D 22 23.35 -14.02 -24.12
N MET D 23 22.22 -13.99 -24.82
CA MET D 23 21.08 -13.18 -24.32
C MET D 23 20.16 -13.84 -23.26
N SER D 24 20.28 -15.15 -22.96
CA SER D 24 19.35 -15.85 -22.05
C SER D 24 20.06 -16.63 -20.91
N LEU D 25 19.39 -17.54 -20.19
CA LEU D 25 19.89 -17.93 -18.85
C LEU D 25 20.84 -19.09 -19.01
N GLN D 26 21.45 -19.19 -20.20
CA GLN D 26 22.35 -20.28 -20.47
C GLN D 26 23.55 -20.19 -19.52
N GLY D 27 23.98 -21.34 -19.04
CA GLY D 27 25.13 -21.43 -18.16
C GLY D 27 24.81 -20.91 -16.78
N LYS D 28 23.53 -20.79 -16.46
CA LYS D 28 23.10 -20.40 -15.12
C LYS D 28 22.30 -21.54 -14.51
N VAL D 29 22.63 -21.87 -13.27
CA VAL D 29 22.02 -22.97 -12.56
C VAL D 29 20.88 -22.51 -11.65
N ALA D 30 19.65 -22.85 -12.01
CA ALA D 30 18.50 -22.44 -11.23
C ALA D 30 18.04 -23.51 -10.25
N LEU D 31 17.46 -23.05 -9.15
CA LEU D 31 16.86 -23.94 -8.14
C LEU D 31 15.40 -23.56 -7.91
N VAL D 32 14.49 -24.46 -8.24
CA VAL D 32 13.08 -24.22 -8.07
C VAL D 32 12.59 -25.21 -7.05
N THR D 33 12.01 -24.70 -5.96
CA THR D 33 11.52 -25.58 -4.89
C THR D 33 10.06 -25.84 -5.17
N GLY D 34 9.62 -27.05 -4.87
CA GLY D 34 8.22 -27.43 -5.07
C GLY D 34 7.82 -27.39 -6.53
N ALA D 35 8.56 -28.13 -7.34
CA ALA D 35 8.49 -28.06 -8.79
C ALA D 35 7.85 -29.28 -9.41
N SER D 36 7.17 -30.10 -8.61
CA SER D 36 6.57 -31.33 -9.15
C SER D 36 5.24 -31.08 -9.86
N ARG D 37 4.58 -29.98 -9.51
CA ARG D 37 3.22 -29.74 -9.98
C ARG D 37 2.96 -28.27 -10.28
N GLY D 38 1.92 -28.07 -11.09
CA GLY D 38 1.39 -26.75 -11.37
C GLY D 38 2.40 -25.65 -11.56
N ILE D 39 2.23 -24.60 -10.76
CA ILE D 39 3.03 -23.38 -10.86
C ILE D 39 4.52 -23.62 -10.79
N GLY D 40 4.96 -24.48 -9.87
CA GLY D 40 6.39 -24.70 -9.68
C GLY D 40 6.99 -25.37 -10.88
N GLN D 41 6.36 -26.45 -11.31
CA GLN D 41 6.77 -27.15 -12.53
C GLN D 41 6.80 -26.18 -13.72
N ALA D 42 5.80 -25.32 -13.83
CA ALA D 42 5.76 -24.38 -14.96
C ALA D 42 6.97 -23.45 -14.90
N ILE D 43 7.33 -23.04 -13.69
CA ILE D 43 8.54 -22.26 -13.51
C ILE D 43 9.79 -23.06 -13.91
N ALA D 44 9.88 -24.28 -13.46
CA ALA D 44 11.00 -25.12 -13.82
C ALA D 44 11.21 -25.17 -15.34
N LEU D 45 10.16 -25.54 -16.08
CA LEU D 45 10.26 -25.70 -17.52
C LEU D 45 10.64 -24.38 -18.21
N GLU D 46 10.01 -23.30 -17.77
CA GLU D 46 10.24 -22.00 -18.39
C GLU D 46 11.68 -21.58 -18.23
N LEU D 47 12.26 -21.83 -17.05
CA LEU D 47 13.67 -21.57 -16.84
C LEU D 47 14.54 -22.43 -17.75
N GLY D 48 14.30 -23.73 -17.75
CA GLY D 48 15.04 -24.63 -18.65
C GLY D 48 15.00 -24.09 -20.05
N ARG D 49 13.79 -23.89 -20.56
CA ARG D 49 13.55 -23.36 -21.90
C ARG D 49 14.33 -22.08 -22.20
N LEU D 50 14.64 -21.30 -21.18
CA LEU D 50 15.54 -20.16 -21.33
C LEU D 50 17.00 -20.56 -21.06
N GLY D 51 17.31 -21.85 -21.21
CA GLY D 51 18.68 -22.32 -21.13
C GLY D 51 19.24 -22.58 -19.74
N ALA D 52 18.42 -22.38 -18.72
CA ALA D 52 18.88 -22.60 -17.36
C ALA D 52 19.14 -24.08 -17.13
N VAL D 53 20.18 -24.39 -16.35
CA VAL D 53 20.28 -25.72 -15.80
C VAL D 53 19.47 -25.69 -14.52
N VAL D 54 18.58 -26.67 -14.38
CA VAL D 54 17.43 -26.53 -13.47
C VAL D 54 17.31 -27.67 -12.49
N ILE D 55 17.26 -27.30 -11.22
CA ILE D 55 17.17 -28.26 -10.15
C ILE D 55 15.83 -28.05 -9.48
N GLY D 56 14.90 -28.94 -9.76
CA GLY D 56 13.58 -28.89 -9.14
C GLY D 56 13.61 -29.73 -7.91
N THR D 57 12.87 -29.34 -6.87
CA THR D 57 12.82 -30.14 -5.66
C THR D 57 11.42 -30.42 -5.19
N ALA D 58 11.31 -31.50 -4.41
CA ALA D 58 10.07 -31.85 -3.75
C ALA D 58 10.39 -32.38 -2.35
N THR D 59 9.33 -32.68 -1.60
CA THR D 59 9.45 -33.15 -0.23
C THR D 59 9.65 -34.67 -0.16
N SER D 60 9.56 -35.35 -1.31
CA SER D 60 9.58 -36.81 -1.35
C SER D 60 10.39 -37.36 -2.52
N ALA D 61 10.77 -38.63 -2.42
CA ALA D 61 11.55 -39.28 -3.45
C ALA D 61 10.69 -39.49 -4.69
N SER D 62 9.47 -39.98 -4.47
CA SER D 62 8.50 -40.15 -5.55
C SER D 62 8.35 -38.88 -6.35
N GLY D 63 8.24 -37.77 -5.63
CA GLY D 63 8.17 -36.47 -6.26
C GLY D 63 9.44 -36.12 -7.04
N ALA D 64 10.59 -36.18 -6.38
CA ALA D 64 11.88 -35.83 -7.00
C ALA D 64 12.15 -36.63 -8.27
N GLU D 65 11.77 -37.90 -8.25
CA GLU D 65 11.93 -38.77 -9.42
C GLU D 65 11.06 -38.26 -10.57
N LYS D 66 9.81 -37.90 -10.27
CA LYS D 66 8.87 -37.40 -11.27
C LYS D 66 9.42 -36.17 -11.96
N ILE D 67 9.90 -35.23 -11.16
CA ILE D 67 10.48 -34.01 -11.70
C ILE D 67 11.51 -34.29 -12.78
N ALA D 68 12.45 -35.18 -12.48
CA ALA D 68 13.52 -35.50 -13.43
C ALA D 68 12.95 -36.03 -14.76
N GLU D 69 11.99 -36.95 -14.67
CA GLU D 69 11.36 -37.50 -15.88
C GLU D 69 10.89 -36.36 -16.75
N THR D 70 10.15 -35.46 -16.12
CA THR D 70 9.62 -34.28 -16.80
C THR D 70 10.69 -33.38 -17.42
N LEU D 71 11.84 -33.23 -16.77
CA LEU D 71 12.93 -32.43 -17.33
C LEU D 71 13.46 -33.07 -18.61
N LYS D 72 13.89 -34.33 -18.48
CA LYS D 72 14.32 -35.10 -19.64
C LYS D 72 13.30 -34.96 -20.75
N ALA D 73 12.05 -35.26 -20.43
CA ALA D 73 10.95 -35.19 -21.39
C ALA D 73 10.95 -33.92 -22.21
N ASN D 74 11.35 -32.81 -21.60
CA ASN D 74 11.41 -31.51 -22.28
C ASN D 74 12.84 -31.05 -22.58
N GLY D 75 13.77 -31.99 -22.62
CA GLY D 75 15.16 -31.73 -23.01
C GLY D 75 15.99 -30.88 -22.04
N VAL D 76 15.47 -30.61 -20.85
CA VAL D 76 16.14 -29.70 -19.92
C VAL D 76 17.20 -30.38 -19.08
N GLU D 77 18.41 -29.83 -19.10
CA GLU D 77 19.50 -30.33 -18.30
C GLU D 77 19.26 -29.96 -16.85
N GLY D 78 19.40 -30.94 -15.98
CA GLY D 78 19.25 -30.72 -14.54
C GLY D 78 18.92 -31.96 -13.72
N ALA D 79 18.23 -31.78 -12.60
CA ALA D 79 18.01 -32.86 -11.65
C ALA D 79 16.85 -32.61 -10.70
N GLY D 80 15.99 -33.63 -10.53
CA GLY D 80 15.03 -33.64 -9.43
C GLY D 80 15.76 -33.91 -8.13
N LEU D 81 15.20 -33.48 -7.00
CA LEU D 81 15.91 -33.58 -5.71
C LEU D 81 14.96 -33.47 -4.51
N VAL D 82 15.34 -34.10 -3.40
CA VAL D 82 14.50 -34.10 -2.20
C VAL D 82 15.01 -33.05 -1.25
N LEU D 83 14.08 -32.24 -0.76
CA LEU D 83 14.42 -31.11 0.09
C LEU D 83 13.30 -30.71 1.01
N ASP D 84 13.61 -30.70 2.31
CA ASP D 84 12.71 -30.20 3.32
C ASP D 84 13.19 -28.81 3.73
N VAL D 85 12.50 -27.79 3.23
CA VAL D 85 12.90 -26.40 3.49
C VAL D 85 12.78 -26.01 4.95
N SER D 86 11.94 -26.70 5.70
CA SER D 86 11.78 -26.41 7.14
C SER D 86 12.99 -26.85 7.99
N SER D 87 13.82 -27.77 7.46
CA SER D 87 14.91 -28.38 8.22
C SER D 87 16.28 -27.97 7.70
N ASP D 88 17.03 -27.25 8.55
CA ASP D 88 18.39 -26.77 8.21
C ASP D 88 19.27 -27.82 7.57
N GLU D 89 19.38 -28.98 8.20
CA GLU D 89 20.32 -29.88 7.58
C GLU D 89 19.93 -30.31 6.18
N SER D 90 18.64 -30.42 5.84
CA SER D 90 18.26 -30.81 4.48
C SER D 90 18.87 -29.80 3.53
N VAL D 91 18.64 -28.54 3.88
CA VAL D 91 19.05 -27.40 3.10
C VAL D 91 20.57 -27.41 2.93
N ALA D 92 21.28 -27.50 4.03
CA ALA D 92 22.74 -27.48 4.00
C ALA D 92 23.25 -28.63 3.13
N ALA D 93 22.61 -29.79 3.26
CA ALA D 93 23.00 -31.01 2.55
C ALA D 93 22.69 -30.88 1.09
N THR D 94 21.44 -30.51 0.79
CA THR D 94 20.98 -30.34 -0.58
C THR D 94 21.87 -29.38 -1.36
N LEU D 95 22.12 -28.19 -0.82
CA LEU D 95 23.02 -27.23 -1.48
C LEU D 95 24.40 -27.82 -1.71
N GLU D 96 25.00 -28.37 -0.65
CA GLU D 96 26.31 -28.98 -0.77
C GLU D 96 26.29 -29.96 -1.94
N HIS D 97 25.32 -30.87 -1.95
CA HIS D 97 25.20 -31.84 -3.03
C HIS D 97 25.15 -31.16 -4.38
N ILE D 98 24.24 -30.20 -4.51
CA ILE D 98 24.03 -29.48 -5.77
C ILE D 98 25.33 -28.88 -6.28
N GLN D 99 26.05 -28.23 -5.39
CA GLN D 99 27.24 -27.49 -5.73
C GLN D 99 28.29 -28.34 -6.43
N GLN D 100 28.57 -29.48 -5.83
CA GLN D 100 29.65 -30.36 -6.28
C GLN D 100 29.34 -30.92 -7.66
N HIS D 101 28.12 -31.42 -7.79
CA HIS D 101 27.71 -32.10 -9.01
C HIS D 101 27.45 -31.11 -10.12
N LEU D 102 26.54 -30.19 -9.88
CA LEU D 102 26.20 -29.27 -10.93
C LEU D 102 26.92 -27.95 -10.89
N GLY D 103 26.93 -27.32 -9.72
CA GLY D 103 27.42 -25.95 -9.59
C GLY D 103 26.59 -25.20 -8.57
N GLN D 104 26.95 -23.94 -8.31
CA GLN D 104 26.24 -23.16 -7.33
C GLN D 104 25.03 -22.43 -7.95
N PRO D 105 23.84 -22.59 -7.36
CA PRO D 105 22.68 -21.98 -7.99
C PRO D 105 22.69 -20.50 -7.69
N LEU D 106 22.43 -19.69 -8.70
CA LEU D 106 22.36 -18.24 -8.53
C LEU D 106 20.95 -17.73 -8.80
N ILE D 107 20.14 -18.52 -9.49
CA ILE D 107 18.73 -18.24 -9.55
C ILE D 107 18.05 -19.22 -8.60
N VAL D 108 17.51 -18.71 -7.49
CA VAL D 108 16.84 -19.55 -6.54
C VAL D 108 15.41 -19.10 -6.42
N VAL D 109 14.48 -20.03 -6.54
CA VAL D 109 13.06 -19.71 -6.58
C VAL D 109 12.27 -20.50 -5.56
N ASN D 110 11.68 -19.80 -4.59
CA ASN D 110 10.92 -20.43 -3.53
C ASN D 110 9.48 -20.52 -3.90
N ASN D 111 8.99 -21.75 -4.02
CA ASN D 111 7.62 -21.93 -4.34
C ASN D 111 6.88 -22.73 -3.29
N LYS D 124 -11.95 -21.48 8.62
CA LYS D 124 -10.54 -21.69 8.35
C LYS D 124 -9.69 -20.38 8.30
N ASP D 125 -9.66 -19.58 9.39
CA ASP D 125 -8.73 -18.43 9.44
C ASP D 125 -7.61 -18.59 10.44
N ASP D 126 -7.88 -18.41 11.74
CA ASP D 126 -6.86 -18.46 12.85
C ASP D 126 -5.54 -19.23 12.55
N GLU D 127 -5.63 -20.23 11.69
CA GLU D 127 -4.51 -20.90 10.92
C GLU D 127 -3.46 -19.89 10.44
N TRP D 128 -3.95 -18.69 10.16
CA TRP D 128 -3.19 -17.73 9.35
C TRP D 128 -1.81 -17.41 9.90
N PHE D 129 -1.69 -17.28 11.21
CA PHE D 129 -0.41 -16.98 11.79
C PHE D 129 0.61 -18.10 11.56
N ASP D 130 0.30 -19.33 12.01
CA ASP D 130 1.23 -20.46 11.86
C ASP D 130 1.70 -20.57 10.42
N VAL D 131 0.74 -20.56 9.50
CA VAL D 131 1.01 -20.69 8.07
C VAL D 131 2.07 -19.70 7.67
N VAL D 132 1.72 -18.42 7.82
CA VAL D 132 2.59 -17.34 7.38
C VAL D 132 3.94 -17.36 8.12
N ASN D 133 3.93 -17.66 9.41
CA ASN D 133 5.15 -17.73 10.18
C ASN D 133 6.11 -18.77 9.62
N THR D 134 5.57 -19.93 9.28
CA THR D 134 6.36 -21.04 8.79
C THR D 134 7.00 -20.69 7.47
N ASN D 135 6.19 -20.26 6.51
CA ASN D 135 6.68 -19.79 5.21
C ASN D 135 7.90 -18.86 5.30
N LEU D 136 7.78 -17.78 6.05
CA LEU D 136 8.80 -16.74 6.04
C LEU D 136 10.08 -17.26 6.66
N ASN D 137 9.98 -18.04 7.73
CA ASN D 137 11.16 -18.68 8.33
C ASN D 137 11.90 -19.55 7.32
N SER D 138 11.11 -20.21 6.48
CA SER D 138 11.68 -21.06 5.44
C SER D 138 12.31 -20.20 4.34
N LEU D 139 11.52 -19.33 3.72
CA LEU D 139 12.07 -18.30 2.85
C LEU D 139 13.40 -17.78 3.36
N TYR D 140 13.43 -17.42 4.64
CA TYR D 140 14.67 -16.94 5.27
C TYR D 140 15.76 -17.99 5.21
N ARG D 141 15.51 -19.13 5.86
CA ARG D 141 16.49 -20.22 5.94
C ARG D 141 17.24 -20.42 4.64
N LEU D 142 16.46 -20.71 3.60
CA LEU D 142 16.99 -21.06 2.31
C LEU D 142 17.74 -19.91 1.73
N SER D 143 17.10 -18.75 1.72
CA SER D 143 17.65 -17.57 1.08
C SER D 143 19.00 -17.33 1.67
N LYS D 144 19.07 -17.29 2.99
CA LYS D 144 20.35 -17.19 3.66
C LYS D 144 21.37 -18.18 3.06
N ALA D 145 21.02 -19.45 3.02
CA ALA D 145 21.94 -20.49 2.54
C ALA D 145 22.56 -20.19 1.18
N VAL D 146 21.73 -19.79 0.23
CA VAL D 146 22.15 -19.65 -1.16
C VAL D 146 22.91 -18.36 -1.42
N LEU D 147 22.91 -17.48 -0.42
CA LEU D 147 23.48 -16.15 -0.58
C LEU D 147 25.00 -16.16 -0.53
N ARG D 148 25.55 -17.08 0.25
CA ARG D 148 27.00 -17.19 0.34
C ARG D 148 27.53 -17.33 -1.10
N GLY D 149 26.88 -18.20 -1.88
CA GLY D 149 27.24 -18.43 -3.28
C GLY D 149 27.03 -17.25 -4.22
N MET D 150 25.90 -16.56 -4.08
CA MET D 150 25.61 -15.43 -4.95
C MET D 150 26.58 -14.29 -4.63
N THR D 151 26.96 -14.19 -3.36
CA THR D 151 27.88 -13.17 -2.89
C THR D 151 29.29 -13.32 -3.49
N LYS D 152 29.82 -14.55 -3.49
CA LYS D 152 31.09 -14.80 -4.16
C LYS D 152 31.00 -14.33 -5.61
N ALA D 153 29.95 -14.75 -6.30
CA ALA D 153 29.79 -14.43 -7.73
C ALA D 153 29.36 -12.99 -7.96
N ARG D 154 28.98 -12.28 -6.91
CA ARG D 154 28.54 -10.90 -7.02
C ARG D 154 27.41 -10.79 -8.07
N TRP D 155 26.47 -11.73 -8.00
CA TRP D 155 25.32 -11.78 -8.91
C TRP D 155 24.33 -12.81 -8.36
N GLY D 156 23.04 -12.49 -8.41
CA GLY D 156 22.00 -13.43 -8.02
C GLY D 156 20.56 -13.06 -8.37
N ARG D 157 19.68 -14.05 -8.31
CA ARG D 157 18.23 -13.83 -8.35
C ARG D 157 17.52 -14.67 -7.31
N ILE D 158 16.80 -14.03 -6.40
CA ILE D 158 15.90 -14.73 -5.51
C ILE D 158 14.50 -14.32 -5.88
N ILE D 159 13.65 -15.31 -6.06
CA ILE D 159 12.31 -15.05 -6.52
C ILE D 159 11.36 -15.87 -5.69
N ASN D 160 10.47 -15.17 -5.03
CA ASN D 160 9.59 -15.76 -4.05
C ASN D 160 8.18 -15.77 -4.60
N ILE D 161 7.55 -16.93 -4.52
CA ILE D 161 6.22 -17.09 -5.10
C ILE D 161 5.20 -17.07 -4.01
N GLY D 162 4.14 -16.32 -4.23
CA GLY D 162 3.07 -16.25 -3.24
C GLY D 162 2.22 -17.48 -3.31
N SER D 163 1.33 -17.63 -2.34
CA SER D 163 0.27 -18.65 -2.44
C SER D 163 -0.86 -18.19 -3.39
N VAL D 164 -1.60 -19.16 -3.87
CA VAL D 164 -2.68 -18.94 -4.79
C VAL D 164 -3.88 -18.60 -3.95
N VAL D 165 -4.87 -17.92 -4.54
CA VAL D 165 -6.11 -17.63 -3.79
C VAL D 165 -6.71 -19.00 -3.65
N GLY D 166 -6.96 -19.39 -2.40
CA GLY D 166 -6.90 -20.83 -2.00
C GLY D 166 -8.18 -21.47 -1.50
N ALA D 167 -9.04 -20.67 -0.86
CA ALA D 167 -10.45 -20.97 -0.67
C ALA D 167 -11.30 -19.86 -1.29
N MET D 168 -12.61 -20.01 -1.13
CA MET D 168 -13.52 -18.89 -1.07
C MET D 168 -13.65 -18.61 0.43
N GLY D 169 -14.85 -18.24 0.85
CA GLY D 169 -15.10 -17.94 2.25
C GLY D 169 -14.46 -16.62 2.55
N ASN D 170 -14.80 -16.08 3.70
CA ASN D 170 -14.04 -14.96 4.21
C ASN D 170 -12.69 -15.40 4.83
N ALA D 171 -12.56 -16.65 5.28
CA ALA D 171 -11.31 -17.14 5.86
C ALA D 171 -10.22 -17.21 4.78
N GLY D 172 -10.61 -17.67 3.59
CA GLY D 172 -9.70 -17.68 2.45
C GLY D 172 -9.13 -16.30 2.18
N GLN D 173 -9.99 -15.30 2.33
CA GLN D 173 -9.64 -13.91 2.13
C GLN D 173 -8.59 -13.44 3.12
N THR D 174 -8.70 -13.91 4.36
CA THR D 174 -7.78 -13.54 5.45
C THR D 174 -6.38 -14.07 5.21
N ASN D 175 -6.27 -15.37 4.98
CA ASN D 175 -4.97 -16.01 4.77
C ASN D 175 -4.27 -15.50 3.54
N TYR D 176 -5.02 -15.46 2.44
CA TYR D 176 -4.47 -14.97 1.19
C TYR D 176 -3.80 -13.62 1.40
N ALA D 177 -4.56 -12.69 1.99
CA ALA D 177 -4.03 -11.37 2.29
C ALA D 177 -2.82 -11.42 3.26
N ALA D 178 -2.89 -12.33 4.23
CA ALA D 178 -1.92 -12.38 5.32
C ALA D 178 -0.54 -12.83 4.85
N ALA D 179 -0.52 -13.83 3.97
CA ALA D 179 0.73 -14.31 3.41
C ALA D 179 1.25 -13.33 2.36
N LYS D 180 0.33 -12.85 1.53
CA LYS D 180 0.65 -11.81 0.56
C LYS D 180 1.25 -10.56 1.24
N ALA D 181 0.84 -10.28 2.46
CA ALA D 181 1.42 -9.18 3.20
C ALA D 181 2.84 -9.51 3.70
N GLY D 182 3.00 -10.73 4.19
CA GLY D 182 4.28 -11.20 4.69
C GLY D 182 5.28 -11.25 3.57
N LEU D 183 4.84 -11.80 2.45
CA LEU D 183 5.72 -11.92 1.32
C LEU D 183 6.25 -10.54 0.90
N GLU D 184 5.32 -9.64 0.57
CA GLU D 184 5.68 -8.26 0.20
C GLU D 184 6.71 -7.64 1.12
N GLY D 185 6.47 -7.73 2.42
CA GLY D 185 7.34 -7.10 3.39
C GLY D 185 8.68 -7.78 3.43
N PHE D 186 8.66 -9.09 3.69
CA PHE D 186 9.84 -9.90 3.74
C PHE D 186 10.73 -9.70 2.54
N THR D 187 10.13 -9.83 1.38
CA THR D 187 10.84 -9.69 0.12
C THR D 187 11.57 -8.37 0.08
N ARG D 188 10.89 -7.29 0.39
CA ARG D 188 11.49 -5.99 0.29
C ARG D 188 12.67 -5.77 1.27
N ALA D 189 12.56 -6.37 2.45
CA ALA D 189 13.53 -6.22 3.45
C ALA D 189 14.80 -6.90 2.97
N LEU D 190 14.64 -8.13 2.50
CA LEU D 190 15.80 -8.95 2.14
C LEU D 190 16.48 -8.29 0.95
N ALA D 191 15.70 -7.75 0.01
CA ALA D 191 16.25 -6.97 -1.10
C ALA D 191 17.17 -5.83 -0.58
N ARG D 192 16.79 -5.20 0.53
CA ARG D 192 17.57 -4.07 1.09
C ARG D 192 18.86 -4.49 1.71
N GLU D 193 18.94 -5.69 2.26
CA GLU D 193 20.17 -6.04 3.04
C GLU D 193 21.24 -6.67 2.14
N VAL D 194 20.90 -6.76 0.86
CA VAL D 194 21.62 -7.63 -0.08
C VAL D 194 22.00 -6.92 -1.40
N GLY D 195 21.22 -5.90 -1.72
CA GLY D 195 21.38 -5.09 -2.93
C GLY D 195 22.77 -4.69 -3.34
N SER D 196 23.66 -4.46 -2.36
CA SER D 196 25.03 -4.01 -2.67
C SER D 196 25.75 -4.99 -3.59
N ARG D 197 25.39 -6.27 -3.44
CA ARG D 197 26.09 -7.38 -4.10
C ARG D 197 25.47 -7.80 -5.44
N ALA D 198 24.64 -6.92 -6.01
CA ALA D 198 23.99 -7.13 -7.31
C ALA D 198 23.15 -8.40 -7.32
N ILE D 199 22.35 -8.55 -6.27
CA ILE D 199 21.44 -9.67 -6.15
C ILE D 199 20.03 -9.13 -6.01
N THR D 200 19.16 -9.34 -7.01
CA THR D 200 17.78 -8.91 -6.84
C THR D 200 17.03 -9.95 -6.05
N VAL D 201 16.05 -9.45 -5.32
CA VAL D 201 15.09 -10.25 -4.60
C VAL D 201 13.72 -9.73 -4.98
N ASN D 202 12.86 -10.60 -5.50
CA ASN D 202 11.51 -10.19 -5.90
C ASN D 202 10.49 -11.24 -5.64
N ALA D 203 9.25 -10.83 -5.67
CA ALA D 203 8.18 -11.69 -5.31
C ALA D 203 7.20 -11.67 -6.45
N VAL D 204 6.44 -12.74 -6.56
CA VAL D 204 5.34 -12.80 -7.55
C VAL D 204 4.11 -13.28 -6.80
N ALA D 205 3.03 -12.55 -7.00
CA ALA D 205 1.82 -12.75 -6.26
C ALA D 205 0.73 -13.30 -7.20
N PRO D 206 0.57 -14.63 -7.26
CA PRO D 206 -0.44 -15.18 -8.08
C PRO D 206 -1.84 -14.82 -7.62
N GLY D 207 -2.79 -14.87 -8.54
CA GLY D 207 -4.17 -14.52 -8.25
C GLY D 207 -4.95 -15.81 -8.16
N PHE D 208 -6.10 -15.87 -8.84
CA PHE D 208 -6.84 -17.12 -8.97
C PHE D 208 -6.34 -17.89 -10.19
N ILE D 209 -5.54 -18.93 -9.91
CA ILE D 209 -4.77 -19.64 -10.90
C ILE D 209 -5.41 -20.99 -11.14
N ASP D 210 -5.40 -21.43 -12.38
CA ASP D 210 -6.00 -22.74 -12.70
C ASP D 210 -5.30 -23.90 -11.97
N THR D 211 -5.96 -24.49 -10.93
CA THR D 211 -5.37 -25.54 -10.08
C THR D 211 -6.33 -26.69 -9.75
N ASP D 212 -5.79 -27.74 -9.14
CA ASP D 212 -6.61 -28.84 -8.58
C ASP D 212 -7.79 -28.31 -7.75
N MET D 213 -7.51 -27.37 -6.86
CA MET D 213 -8.53 -26.84 -5.96
C MET D 213 -9.71 -26.30 -6.74
N THR D 214 -9.42 -25.46 -7.73
CA THR D 214 -10.45 -24.79 -8.52
C THR D 214 -11.16 -25.73 -9.47
N ARG D 215 -10.40 -26.64 -10.08
CA ARG D 215 -10.96 -27.50 -11.14
C ARG D 215 -12.25 -28.22 -10.73
N GLU D 216 -12.45 -28.41 -9.43
CA GLU D 216 -13.70 -29.02 -8.94
C GLU D 216 -14.42 -28.14 -7.91
N LEU D 217 -14.98 -27.03 -8.41
CA LEU D 217 -15.88 -26.16 -7.65
C LEU D 217 -17.28 -26.01 -8.29
N PRO D 218 -18.28 -25.61 -7.48
CA PRO D 218 -19.63 -25.43 -8.01
C PRO D 218 -19.70 -24.41 -9.15
N GLU D 219 -20.66 -24.65 -10.04
CA GLU D 219 -20.87 -23.86 -11.25
C GLU D 219 -21.22 -22.41 -10.98
N ALA D 220 -21.70 -22.13 -9.76
CA ALA D 220 -21.90 -20.77 -9.26
C ALA D 220 -20.60 -20.14 -8.79
N GLN D 221 -19.96 -20.72 -7.79
CA GLN D 221 -18.76 -20.12 -7.19
C GLN D 221 -17.58 -19.88 -8.15
N ARG D 222 -17.67 -20.46 -9.35
CA ARG D 222 -16.69 -20.14 -10.38
C ARG D 222 -17.03 -18.81 -11.02
N GLU D 223 -18.21 -18.74 -11.63
CA GLU D 223 -18.63 -17.55 -12.37
C GLU D 223 -18.72 -16.30 -11.47
N ALA D 224 -19.09 -16.50 -10.20
CA ALA D 224 -19.10 -15.42 -9.21
C ALA D 224 -17.69 -14.88 -9.05
N LEU D 225 -16.74 -15.80 -8.97
CA LEU D 225 -15.35 -15.47 -8.78
C LEU D 225 -14.71 -14.87 -10.03
N LEU D 226 -15.09 -15.38 -11.19
CA LEU D 226 -14.65 -14.79 -12.45
C LEU D 226 -15.30 -13.41 -12.68
N GLY D 227 -16.45 -13.16 -12.06
CA GLY D 227 -17.02 -11.82 -12.02
C GLY D 227 -16.21 -10.85 -11.17
N GLN D 228 -15.27 -11.39 -10.43
CA GLN D 228 -14.38 -10.65 -9.58
C GLN D 228 -13.08 -10.34 -10.33
N ILE D 229 -12.74 -11.17 -11.30
CA ILE D 229 -11.51 -10.99 -12.06
C ILE D 229 -11.81 -10.23 -13.34
N PRO D 230 -11.32 -8.98 -13.47
CA PRO D 230 -11.50 -8.16 -14.67
C PRO D 230 -11.25 -8.89 -15.99
N LEU D 231 -10.21 -9.71 -16.09
CA LEU D 231 -9.94 -10.44 -17.33
C LEU D 231 -10.88 -11.62 -17.63
N GLY D 232 -11.67 -12.02 -16.66
CA GLY D 232 -12.69 -13.05 -16.86
C GLY D 232 -12.21 -14.48 -17.05
N ARG D 233 -11.05 -14.81 -16.52
CA ARG D 233 -10.54 -16.16 -16.61
C ARG D 233 -9.57 -16.39 -15.49
N LEU D 234 -9.21 -17.65 -15.31
CA LEU D 234 -8.13 -18.02 -14.40
C LEU D 234 -6.80 -17.80 -15.09
N GLY D 235 -5.77 -17.66 -14.28
CA GLY D 235 -4.40 -17.60 -14.79
C GLY D 235 -3.86 -19.00 -14.93
N GLN D 236 -3.25 -19.30 -16.08
CA GLN D 236 -2.52 -20.55 -16.24
C GLN D 236 -1.18 -20.42 -15.50
N ALA D 237 -0.72 -21.52 -14.95
CA ALA D 237 0.61 -21.58 -14.33
C ALA D 237 1.70 -20.94 -15.19
N GLU D 238 1.78 -21.35 -16.45
CA GLU D 238 2.74 -20.72 -17.42
C GLU D 238 2.80 -19.20 -17.30
N GLU D 239 1.63 -18.56 -17.10
CA GLU D 239 1.59 -17.10 -17.01
C GLU D 239 2.46 -16.62 -15.80
N ILE D 240 2.45 -17.36 -14.70
CA ILE D 240 3.32 -17.03 -13.58
C ILE D 240 4.81 -17.24 -13.96
N ALA D 241 5.08 -18.44 -14.46
CA ALA D 241 6.36 -18.78 -15.00
C ALA D 241 6.96 -17.66 -15.85
N LYS D 242 6.27 -17.26 -16.90
CA LYS D 242 6.79 -16.21 -17.79
C LYS D 242 7.37 -14.99 -17.05
N VAL D 243 6.70 -14.60 -15.97
CA VAL D 243 7.11 -13.46 -15.20
C VAL D 243 8.33 -13.84 -14.42
N VAL D 244 8.29 -15.02 -13.84
CA VAL D 244 9.42 -15.48 -13.12
C VAL D 244 10.61 -15.41 -14.06
N GLY D 245 10.42 -15.95 -15.24
CA GLY D 245 11.49 -16.00 -16.20
C GLY D 245 11.99 -14.61 -16.47
N PHE D 246 11.08 -13.67 -16.49
CA PHE D 246 11.48 -12.32 -16.83
C PHE D 246 12.52 -11.78 -15.78
N LEU D 247 12.11 -11.88 -14.54
CA LEU D 247 12.79 -11.32 -13.44
C LEU D 247 14.20 -11.92 -13.34
N ALA D 248 14.27 -13.22 -13.63
CA ALA D 248 15.51 -13.93 -13.77
C ALA D 248 16.48 -13.25 -14.76
N SER D 249 15.92 -12.81 -15.88
CA SER D 249 16.72 -12.25 -16.98
C SER D 249 17.60 -11.10 -16.51
N ASP D 250 18.63 -10.81 -17.28
CA ASP D 250 19.49 -9.67 -16.97
C ASP D 250 18.77 -8.38 -17.18
N GLY D 251 17.73 -8.39 -18.00
CA GLY D 251 17.03 -7.16 -18.32
C GLY D 251 16.44 -6.59 -17.07
N ALA D 252 15.87 -7.47 -16.26
CA ALA D 252 15.16 -7.07 -15.06
C ALA D 252 16.12 -7.14 -13.86
N ALA D 253 17.21 -6.39 -13.99
CA ALA D 253 18.28 -6.38 -13.02
C ALA D 253 18.25 -5.15 -12.14
N TYR D 254 17.51 -4.13 -12.57
CA TYR D 254 17.24 -2.96 -11.72
C TYR D 254 15.85 -3.08 -11.07
N VAL D 255 15.31 -4.30 -11.01
CA VAL D 255 14.06 -4.56 -10.35
C VAL D 255 14.33 -5.42 -9.18
N THR D 256 14.19 -4.85 -7.99
CA THR D 256 14.51 -5.57 -6.74
C THR D 256 13.58 -5.10 -5.65
N GLY D 257 13.26 -6.01 -4.74
CA GLY D 257 12.32 -5.75 -3.65
C GLY D 257 10.87 -5.63 -4.06
N ALA D 258 10.55 -6.01 -5.30
CA ALA D 258 9.22 -5.75 -5.82
C ALA D 258 8.36 -7.00 -5.80
N THR D 259 7.08 -6.80 -5.58
CA THR D 259 6.10 -7.88 -5.67
C THR D 259 5.19 -7.63 -6.88
N VAL D 260 5.44 -8.40 -7.94
CA VAL D 260 4.65 -8.31 -9.15
C VAL D 260 3.35 -9.10 -9.00
N PRO D 261 2.21 -8.41 -9.09
CA PRO D 261 0.93 -9.09 -9.00
C PRO D 261 0.49 -9.66 -10.33
N VAL D 262 0.24 -10.97 -10.32
CA VAL D 262 -0.30 -11.65 -11.48
C VAL D 262 -1.67 -12.20 -11.12
N ASN D 263 -2.71 -11.43 -11.43
CA ASN D 263 -4.03 -11.73 -10.93
C ASN D 263 -5.20 -11.28 -11.82
N GLY D 264 -4.91 -10.90 -13.04
CA GLY D 264 -5.92 -10.50 -14.00
C GLY D 264 -6.79 -9.39 -13.48
N GLY D 265 -6.25 -8.59 -12.55
CA GLY D 265 -6.91 -7.36 -12.15
C GLY D 265 -7.64 -7.42 -10.83
N MET D 266 -7.82 -8.62 -10.29
CA MET D 266 -8.50 -8.77 -9.01
C MET D 266 -7.55 -8.54 -7.82
N TYR D 267 -7.61 -7.35 -7.24
CA TYR D 267 -6.75 -6.97 -6.11
C TYR D 267 -7.49 -7.05 -4.77
N MET D 268 -6.81 -7.63 -3.79
CA MET D 268 -7.36 -7.85 -2.46
C MET D 268 -6.36 -7.50 -1.37
N SER D 269 -6.85 -6.94 -0.26
CA SER D 269 -5.99 -6.70 0.91
C SER D 269 -6.71 -7.11 2.19
#